data_7Q6C
#
_entry.id   7Q6C
#
_cell.length_a   161.057
_cell.length_b   63.527
_cell.length_c   128.589
_cell.angle_alpha   90.000
_cell.angle_beta   128.363
_cell.angle_gamma   90.000
#
_symmetry.space_group_name_H-M   'C 1 2 1'
#
loop_
_entity.id
_entity.type
_entity.pdbx_description
1 polymer 'Complement component C6'
2 polymer 'CP010 heavy chain'
3 polymer 'kappa specific nanobody'
4 polymer 'CP010 light chain'
5 non-polymer 'ACETATE ION'
6 water water
#
loop_
_entity_poly.entity_id
_entity_poly.type
_entity_poly.pdbx_seq_one_letter_code
_entity_poly.pdbx_strand_id
1 'polypeptide(L)'
;LKGHCQLGQKQSGSECICMSPEEDCSHHSEDLCVFDTDSNDYFTSPACKFLAEKCLNNQQLHFLHIGSCQDGRQLEWGLE
RTRLSSASTKKESCGYDTCYDWEKCSASTSKCVCLLPPQCFKGGNQLYCVKMGSSTSEKTLNICEVGTIRCANRKMEILH
PGKCLA
;
A
2 'polypeptide(L)'
;EVQLVESDGGLVQPGGSLKLSCAASGFTFSDYYMAWVRQGPGKGLEWVATINYDGSSTYYRESVKGRFTISRDNAKNTLY
LQMNSLRAEDTATYYCARPSTEALFAYWGHGTLVTVSSASTKGPSVFPLAPCSRSTSESTAALGCLVKDYFPEPVTVSWN
SGALTSGVHTFPAVLQSSGLYSLSSVVTVPSSSLGTKTYTCNVDHKPSNTKVDKRVESS
;
H
3 'polypeptide(L)'
;QVQLQESGGGLVQPGGSLRLSCAASGRTISRYAMSWFRQAPGKEREFVAVARRSGDGAFYADSVQGRFTVSRDDAKNTVY
LQMNSLKPEDTAVYYCAIDSDTFYSGSYDYWGQGTQVTVSSE
;
K
4 'polypeptide(L)'
;DVVLTQTPSTLSVTPGQPASISCRSSQSLLNDVGNTYLYWYLQKPGQSPQLLIYLVSDLGSGVPNRFSGSGSGTDFTLKI
SRVEAEDVGIYYCMQASHAPYTFGQGTNLEIKRTVAAPSVFIFPPSDEQLKSGTASVVCLLNNFYPREAKVQWKVDNALQ
SGNSQESVTEQDSKDSTYSLSSTLTLSKADYEKHKVYACEVTHQGLSSPVTKSFNRGEC
;
L
#
loop_
_chem_comp.id
_chem_comp.type
_chem_comp.name
_chem_comp.formula
ACT non-polymer 'ACETATE ION' 'C2 H3 O2 -1'
#
# COMPACT_ATOMS: atom_id res chain seq x y z
N HIS A 4 -34.31 -9.24 -21.67
CA HIS A 4 -33.83 -10.42 -22.38
C HIS A 4 -33.34 -10.08 -23.78
N CYS A 5 -33.97 -9.09 -24.41
CA CYS A 5 -33.66 -8.70 -25.77
C CYS A 5 -32.59 -7.61 -25.80
N GLN A 6 -31.89 -7.53 -26.93
CA GLN A 6 -30.70 -6.71 -27.07
C GLN A 6 -31.07 -5.27 -27.45
N LEU A 7 -30.05 -4.44 -27.64
CA LEU A 7 -30.28 -3.04 -27.98
C LEU A 7 -30.89 -2.93 -29.37
N GLY A 8 -31.84 -2.00 -29.51
CA GLY A 8 -32.56 -1.84 -30.75
C GLY A 8 -33.63 -2.87 -31.03
N GLN A 9 -33.75 -3.90 -30.20
CA GLN A 9 -34.71 -4.98 -30.41
C GLN A 9 -35.96 -4.77 -29.56
N LYS A 10 -37.01 -5.52 -29.90
CA LYS A 10 -38.27 -5.54 -29.16
C LYS A 10 -38.86 -6.95 -29.18
N GLN A 11 -39.56 -7.32 -28.10
CA GLN A 11 -40.20 -8.62 -28.05
C GLN A 11 -41.47 -8.60 -28.90
N SER A 12 -41.61 -9.56 -29.82
CA SER A 12 -42.81 -9.72 -30.62
C SER A 12 -43.17 -11.19 -30.78
N GLY A 13 -44.25 -11.59 -30.12
CA GLY A 13 -44.75 -12.96 -30.23
C GLY A 13 -43.75 -14.07 -29.97
N SER A 14 -42.98 -13.93 -28.89
CA SER A 14 -41.91 -14.81 -28.46
C SER A 14 -40.64 -14.70 -29.32
N GLU A 15 -40.65 -13.91 -30.39
CA GLU A 15 -39.50 -13.54 -31.18
C GLU A 15 -38.96 -12.25 -30.62
N CYS A 16 -37.74 -11.92 -31.04
CA CYS A 16 -37.01 -10.77 -30.53
C CYS A 16 -36.50 -9.96 -31.73
N ILE A 17 -37.38 -9.16 -32.32
CA ILE A 17 -37.09 -8.52 -33.61
C ILE A 17 -36.53 -7.12 -33.41
N CYS A 18 -36.11 -6.46 -34.49
CA CYS A 18 -35.60 -5.10 -34.41
C CYS A 18 -36.75 -4.11 -34.28
N MET A 19 -36.40 -2.90 -33.84
CA MET A 19 -37.34 -1.80 -33.72
C MET A 19 -37.39 -0.98 -35.01
N SER A 20 -38.51 -0.29 -35.21
CA SER A 20 -38.68 0.61 -36.35
C SER A 20 -38.32 2.03 -35.92
N PRO A 21 -37.37 2.71 -36.59
CA PRO A 21 -36.99 4.05 -36.09
C PRO A 21 -38.11 5.07 -36.19
N GLU A 22 -39.02 4.92 -37.15
CA GLU A 22 -40.04 5.92 -37.41
C GLU A 22 -41.39 5.59 -36.77
N GLU A 23 -41.55 4.39 -36.20
CA GLU A 23 -42.79 3.98 -35.57
C GLU A 23 -42.67 3.76 -34.06
N ASP A 24 -41.50 3.33 -33.58
CA ASP A 24 -41.34 2.86 -32.20
C ASP A 24 -40.49 3.78 -31.34
N CYS A 25 -40.34 5.04 -31.73
CA CYS A 25 -39.51 6.00 -31.01
C CYS A 25 -40.25 7.31 -30.77
N SER A 26 -41.56 7.24 -30.57
CA SER A 26 -42.33 8.43 -30.23
C SER A 26 -42.02 8.95 -28.83
N HIS A 27 -41.40 8.13 -27.98
CA HIS A 27 -40.98 8.56 -26.66
C HIS A 27 -39.65 9.31 -26.74
N HIS A 28 -39.23 9.86 -25.59
CA HIS A 28 -37.98 10.60 -25.51
C HIS A 28 -36.79 9.67 -25.29
N SER A 29 -35.69 9.96 -25.97
CA SER A 29 -34.40 9.33 -25.71
C SER A 29 -33.31 10.37 -25.93
N GLU A 30 -32.14 10.11 -25.33
CA GLU A 30 -31.09 11.12 -25.33
C GLU A 30 -30.52 11.34 -26.73
N ASP A 31 -30.08 12.56 -27.00
CA ASP A 31 -29.50 12.88 -28.29
C ASP A 31 -28.11 12.28 -28.42
N LEU A 32 -27.84 11.73 -29.60
CA LEU A 32 -26.51 11.27 -29.98
C LEU A 32 -26.03 12.07 -31.18
N CYS A 33 -24.70 12.18 -31.33
CA CYS A 33 -24.09 12.70 -32.54
C CYS A 33 -23.57 11.52 -33.34
N VAL A 34 -24.04 11.39 -34.59
CA VAL A 34 -23.79 10.22 -35.41
C VAL A 34 -23.26 10.67 -36.76
N PHE A 35 -22.54 9.77 -37.44
CA PHE A 35 -21.98 10.01 -38.75
C PHE A 35 -22.54 8.99 -39.73
N ASP A 36 -22.81 9.42 -40.95
CA ASP A 36 -23.33 8.57 -42.01
C ASP A 36 -22.29 8.49 -43.12
N THR A 37 -21.87 7.26 -43.46
CA THR A 37 -20.84 7.09 -44.48
C THR A 37 -21.37 7.45 -45.86
N ASP A 38 -22.61 7.10 -46.16
CA ASP A 38 -23.18 7.36 -47.48
C ASP A 38 -23.24 8.86 -47.77
N SER A 39 -24.05 9.59 -47.01
CA SER A 39 -24.12 11.04 -47.19
C SER A 39 -22.84 11.74 -46.78
N ASN A 40 -22.01 11.11 -45.94
CA ASN A 40 -20.75 11.70 -45.48
C ASN A 40 -21.00 13.00 -44.72
N ASP A 41 -22.10 13.04 -43.97
CA ASP A 41 -22.40 14.13 -43.06
C ASP A 41 -22.74 13.54 -41.70
N TYR A 42 -22.55 14.33 -40.66
CA TYR A 42 -22.96 13.98 -39.31
C TYR A 42 -24.11 14.88 -38.86
N PHE A 43 -24.85 14.41 -37.86
CA PHE A 43 -26.10 15.03 -37.47
C PHE A 43 -26.50 14.46 -36.10
N THR A 44 -27.36 15.20 -35.41
CA THR A 44 -27.90 14.71 -34.15
C THR A 44 -29.08 13.78 -34.41
N SER A 45 -29.16 12.72 -33.61
CA SER A 45 -30.19 11.69 -33.76
C SER A 45 -30.60 11.18 -32.38
N PRO A 46 -31.88 10.82 -32.20
CA PRO A 46 -32.25 10.18 -30.93
C PRO A 46 -31.61 8.81 -30.79
N ALA A 47 -31.27 8.46 -29.55
CA ALA A 47 -30.66 7.17 -29.29
C ALA A 47 -31.57 6.01 -29.66
N CYS A 48 -32.89 6.19 -29.53
CA CYS A 48 -33.82 5.15 -29.93
C CYS A 48 -33.69 4.84 -31.41
N LYS A 49 -33.65 5.88 -32.25
CA LYS A 49 -33.57 5.65 -33.68
C LYS A 49 -32.21 5.06 -34.07
N PHE A 50 -31.13 5.53 -33.43
CA PHE A 50 -29.81 5.05 -33.77
C PHE A 50 -29.66 3.56 -33.47
N LEU A 51 -30.12 3.13 -32.29
CA LEU A 51 -29.99 1.74 -31.91
C LEU A 51 -30.87 0.84 -32.79
N ALA A 52 -32.02 1.33 -33.22
CA ALA A 52 -32.83 0.57 -34.17
C ALA A 52 -32.11 0.41 -35.49
N GLU A 53 -31.40 1.46 -35.94
CA GLU A 53 -30.67 1.39 -37.20
C GLU A 53 -29.54 0.37 -37.12
N LYS A 54 -28.83 0.30 -35.98
CA LYS A 54 -27.74 -0.65 -35.85
C LYS A 54 -28.25 -2.08 -35.71
N CYS A 55 -29.43 -2.26 -35.12
CA CYS A 55 -30.06 -3.58 -35.12
C CYS A 55 -30.32 -4.04 -36.55
N LEU A 56 -30.73 -3.12 -37.42
CA LEU A 56 -31.08 -3.43 -38.80
C LEU A 56 -29.88 -3.44 -39.74
N ASN A 57 -28.67 -3.44 -39.20
CA ASN A 57 -27.42 -3.44 -39.98
C ASN A 57 -27.39 -2.26 -40.95
N ASN A 58 -27.29 -1.07 -40.35
CA ASN A 58 -26.95 0.14 -41.08
C ASN A 58 -25.48 0.47 -40.78
N GLN A 59 -24.60 -0.32 -41.38
CA GLN A 59 -23.17 -0.22 -41.09
C GLN A 59 -22.58 1.13 -41.49
N GLN A 60 -23.25 1.87 -42.36
CA GLN A 60 -22.78 3.19 -42.74
C GLN A 60 -23.03 4.25 -41.67
N LEU A 61 -23.76 3.92 -40.59
CA LEU A 61 -24.08 4.86 -39.54
C LEU A 61 -23.20 4.56 -38.32
N HIS A 62 -22.41 5.55 -37.89
CA HIS A 62 -21.42 5.40 -36.85
C HIS A 62 -21.68 6.38 -35.70
N PHE A 63 -21.37 5.91 -34.49
CA PHE A 63 -21.44 6.76 -33.30
C PHE A 63 -20.21 7.66 -33.23
N LEU A 64 -20.45 8.95 -32.92
CA LEU A 64 -19.38 9.91 -32.69
C LEU A 64 -19.26 10.26 -31.20
N HIS A 65 -20.29 10.86 -30.60
CA HIS A 65 -20.23 11.18 -29.18
C HIS A 65 -21.64 11.38 -28.63
N ILE A 66 -21.72 11.34 -27.30
CA ILE A 66 -22.98 11.51 -26.59
C ILE A 66 -23.39 12.98 -26.69
N GLY A 67 -24.70 13.22 -26.74
CA GLY A 67 -25.23 14.56 -26.85
C GLY A 67 -25.27 15.04 -28.30
N SER A 68 -25.94 16.17 -28.51
CA SER A 68 -26.02 16.75 -29.84
C SER A 68 -24.64 17.22 -30.29
N CYS A 69 -24.47 17.30 -31.60
CA CYS A 69 -23.14 17.49 -32.18
C CYS A 69 -22.54 18.84 -31.78
N GLN A 70 -21.30 18.78 -31.27
CA GLN A 70 -20.48 19.97 -31.02
C GLN A 70 -19.15 19.75 -31.73
N ASP A 71 -18.77 20.68 -32.59
CA ASP A 71 -17.47 20.59 -33.25
C ASP A 71 -16.34 20.72 -32.22
N GLY A 72 -15.20 20.17 -32.56
CA GLY A 72 -14.07 20.12 -31.64
C GLY A 72 -13.24 18.88 -31.93
N ARG A 73 -12.20 18.72 -31.10
CA ARG A 73 -11.28 17.62 -31.33
C ARG A 73 -11.95 16.27 -31.15
N GLN A 74 -12.85 16.16 -30.16
CA GLN A 74 -13.50 14.87 -29.92
C GLN A 74 -14.39 14.47 -31.09
N LEU A 75 -15.13 15.44 -31.65
CA LEU A 75 -15.89 15.18 -32.87
C LEU A 75 -14.96 14.82 -34.02
N GLU A 76 -13.87 15.57 -34.18
CA GLU A 76 -12.93 15.31 -35.26
C GLU A 76 -12.34 13.90 -35.14
N TRP A 77 -11.92 13.52 -33.94
CA TRP A 77 -11.37 12.18 -33.75
C TRP A 77 -12.41 11.11 -34.03
N GLY A 78 -13.69 11.39 -33.74
CA GLY A 78 -14.74 10.45 -34.07
C GLY A 78 -14.81 10.17 -35.57
N LEU A 79 -14.55 11.18 -36.39
CA LEU A 79 -14.54 10.98 -37.83
C LEU A 79 -13.32 10.18 -38.28
N GLU A 80 -12.18 10.37 -37.60
CA GLU A 80 -10.99 9.60 -37.95
C GLU A 80 -11.16 8.12 -37.60
N ARG A 81 -11.84 7.84 -36.47
CA ARG A 81 -12.15 6.47 -36.10
C ARG A 81 -12.88 5.75 -37.22
N THR A 82 -13.84 6.42 -37.84
CA THR A 82 -14.68 5.79 -38.85
C THR A 82 -13.86 5.38 -40.08
N ARG A 83 -12.95 6.25 -40.52
CA ARG A 83 -12.12 5.91 -41.68
C ARG A 83 -11.18 4.76 -41.36
N LEU A 84 -10.73 4.64 -40.10
CA LEU A 84 -9.82 3.58 -39.72
C LEU A 84 -10.51 2.27 -39.39
N SER A 85 -11.82 2.27 -39.18
CA SER A 85 -12.51 1.10 -38.63
C SER A 85 -12.47 -0.11 -39.56
N SER A 86 -12.32 0.10 -40.87
CA SER A 86 -12.17 -1.03 -41.78
C SER A 86 -10.90 -1.83 -41.54
N ALA A 87 -9.87 -1.20 -40.97
CA ALA A 87 -8.60 -1.86 -40.69
C ALA A 87 -8.57 -2.56 -39.34
N SER A 88 -9.67 -2.54 -38.58
CA SER A 88 -9.70 -3.12 -37.24
C SER A 88 -10.30 -4.51 -37.27
N THR A 89 -9.70 -5.43 -36.50
CA THR A 89 -10.24 -6.76 -36.34
C THR A 89 -11.13 -6.89 -35.10
N LYS A 90 -10.88 -6.08 -34.06
CA LYS A 90 -11.78 -6.03 -32.92
C LYS A 90 -12.92 -5.06 -33.22
N LYS A 91 -14.16 -5.48 -32.91
CA LYS A 91 -15.36 -4.65 -33.07
C LYS A 91 -16.19 -4.86 -31.81
N GLU A 92 -15.72 -4.31 -30.69
CA GLU A 92 -16.31 -4.59 -29.38
C GLU A 92 -17.45 -3.62 -29.10
N SER A 93 -18.63 -4.15 -28.83
CA SER A 93 -19.77 -3.29 -28.47
C SER A 93 -19.53 -2.66 -27.11
N CYS A 94 -19.87 -1.37 -27.00
CA CYS A 94 -19.53 -0.60 -25.80
C CYS A 94 -20.52 0.57 -25.72
N GLY A 95 -21.65 0.33 -25.05
CA GLY A 95 -22.71 1.33 -25.03
C GLY A 95 -23.25 1.54 -26.43
N TYR A 96 -23.30 2.80 -26.85
CA TYR A 96 -23.65 3.12 -28.23
C TYR A 96 -22.49 2.88 -29.19
N ASP A 97 -21.27 2.83 -28.69
CA ASP A 97 -20.07 2.84 -29.52
C ASP A 97 -19.60 1.42 -29.83
N THR A 98 -18.66 1.33 -30.77
CA THR A 98 -17.99 0.08 -31.14
C THR A 98 -16.50 0.33 -31.05
N CYS A 99 -15.82 -0.34 -30.13
CA CYS A 99 -14.39 -0.11 -29.89
C CYS A 99 -13.56 -0.99 -30.82
N TYR A 100 -12.42 -0.45 -31.26
CA TYR A 100 -11.54 -1.06 -32.24
C TYR A 100 -10.23 -1.48 -31.59
N ASP A 101 -9.29 -1.94 -32.42
CA ASP A 101 -8.06 -2.56 -31.91
C ASP A 101 -7.24 -1.61 -31.03
N TRP A 102 -7.39 -0.30 -31.23
CA TRP A 102 -6.63 0.71 -30.50
C TRP A 102 -7.37 1.25 -29.27
N GLU A 103 -8.46 0.60 -28.84
CA GLU A 103 -9.30 1.12 -27.79
C GLU A 103 -9.68 0.05 -26.79
N LYS A 104 -9.88 0.49 -25.55
CA LYS A 104 -10.46 -0.31 -24.49
C LYS A 104 -11.87 0.20 -24.23
N CYS A 105 -12.82 -0.73 -24.11
CA CYS A 105 -14.14 -0.37 -23.61
C CYS A 105 -14.04 -0.11 -22.12
N SER A 106 -14.37 1.11 -21.70
CA SER A 106 -14.47 1.48 -20.29
C SER A 106 -15.90 1.18 -19.84
N ALA A 107 -16.08 0.03 -19.17
CA ALA A 107 -17.44 -0.42 -18.84
C ALA A 107 -18.13 0.55 -17.88
N SER A 108 -17.38 1.13 -16.95
CA SER A 108 -17.99 2.02 -15.97
C SER A 108 -18.56 3.30 -16.58
N THR A 109 -18.13 3.64 -17.80
CA THR A 109 -18.58 4.84 -18.48
C THR A 109 -19.23 4.60 -19.84
N SER A 110 -19.16 3.37 -20.36
CA SER A 110 -19.71 3.03 -21.67
C SER A 110 -19.08 3.88 -22.77
N LYS A 111 -17.76 4.11 -22.66
CA LYS A 111 -17.00 4.89 -23.61
C LYS A 111 -15.83 4.06 -24.12
N CYS A 112 -15.57 4.14 -25.43
CA CYS A 112 -14.33 3.62 -25.98
C CYS A 112 -13.21 4.58 -25.62
N VAL A 113 -12.17 4.07 -24.96
CA VAL A 113 -11.02 4.86 -24.52
C VAL A 113 -9.81 4.39 -25.31
N CYS A 114 -9.13 5.31 -25.95
CA CYS A 114 -7.94 4.97 -26.72
C CYS A 114 -6.86 4.40 -25.82
N LEU A 115 -6.30 3.26 -26.22
CA LEU A 115 -5.13 2.73 -25.54
C LEU A 115 -3.95 3.69 -25.71
N LEU A 116 -3.01 3.60 -24.78
CA LEU A 116 -1.70 4.21 -24.99
C LEU A 116 -0.87 3.23 -25.82
N PRO A 117 0.08 3.72 -26.63
CA PRO A 117 0.83 2.84 -27.55
C PRO A 117 1.47 1.62 -26.89
N PRO A 118 2.11 1.73 -25.72
CA PRO A 118 2.72 0.52 -25.13
C PRO A 118 1.70 -0.54 -24.69
N GLN A 119 0.40 -0.23 -24.64
CA GLN A 119 -0.60 -1.24 -24.32
C GLN A 119 -0.99 -2.11 -25.50
N CYS A 120 -0.47 -1.84 -26.69
CA CYS A 120 -0.90 -2.55 -27.88
C CYS A 120 -0.33 -3.97 -27.89
N PHE A 121 -1.24 -4.95 -27.98
CA PHE A 121 -0.88 -6.35 -28.16
C PHE A 121 -0.66 -6.60 -29.65
N LYS A 122 0.60 -6.83 -30.03
CA LYS A 122 0.95 -7.01 -31.45
C LYS A 122 0.23 -8.23 -32.02
N GLY A 123 0.42 -9.39 -31.40
CA GLY A 123 -0.24 -10.62 -31.81
C GLY A 123 0.06 -11.01 -33.24
N GLY A 124 -0.85 -10.64 -34.15
CA GLY A 124 -0.62 -10.82 -35.57
C GLY A 124 -1.29 -9.71 -36.37
N ASN A 125 -1.38 -8.52 -35.78
CA ASN A 125 -2.04 -7.40 -36.42
C ASN A 125 -1.32 -7.00 -37.70
N GLN A 126 -2.05 -6.36 -38.60
CA GLN A 126 -1.49 -5.93 -39.88
C GLN A 126 -0.48 -4.81 -39.63
N LEU A 127 0.68 -4.92 -40.27
CA LEU A 127 1.76 -3.95 -40.07
C LEU A 127 1.66 -2.84 -41.11
N TYR A 128 2.20 -1.67 -40.74
CA TYR A 128 2.22 -0.51 -41.61
C TYR A 128 3.59 0.17 -41.47
N CYS A 129 4.15 0.60 -42.59
CA CYS A 129 5.35 1.41 -42.59
C CYS A 129 4.94 2.88 -42.60
N VAL A 130 5.52 3.66 -41.67
CA VAL A 130 5.08 5.02 -41.42
C VAL A 130 6.32 5.89 -41.23
N LYS A 131 6.12 7.19 -41.43
CA LYS A 131 7.09 8.22 -41.01
C LYS A 131 6.38 9.18 -40.07
N MET A 132 7.03 9.48 -38.94
CA MET A 132 6.49 10.37 -37.92
C MET A 132 7.17 11.72 -38.04
N GLY A 133 6.37 12.79 -37.90
CA GLY A 133 6.79 14.10 -38.38
C GLY A 133 8.04 14.61 -37.70
N SER A 134 8.76 15.47 -38.42
CA SER A 134 10.03 16.05 -38.02
C SER A 134 11.17 15.03 -38.02
N SER A 135 11.05 13.95 -38.79
CA SER A 135 12.05 12.90 -38.81
C SER A 135 12.15 12.30 -40.21
N THR A 136 13.33 11.79 -40.53
CA THR A 136 13.58 11.04 -41.76
C THR A 136 14.08 9.64 -41.39
N SER A 137 13.24 8.86 -40.71
CA SER A 137 13.57 7.49 -40.35
C SER A 137 12.27 6.70 -40.30
N GLU A 138 12.11 5.74 -41.21
CA GLU A 138 10.90 4.93 -41.24
C GLU A 138 10.79 4.07 -39.98
N LYS A 139 9.55 3.77 -39.60
CA LYS A 139 9.27 2.88 -38.49
C LYS A 139 8.10 1.98 -38.84
N THR A 140 8.15 0.75 -38.35
CA THR A 140 7.08 -0.22 -38.53
C THR A 140 6.15 -0.17 -37.33
N LEU A 141 4.84 -0.06 -37.59
CA LEU A 141 3.83 -0.02 -36.55
C LEU A 141 2.67 -0.92 -36.94
N ASN A 142 2.07 -1.59 -35.95
CA ASN A 142 0.86 -2.36 -36.18
C ASN A 142 -0.35 -1.43 -36.09
N ILE A 143 -1.52 -1.99 -36.42
CA ILE A 143 -2.72 -1.16 -36.53
C ILE A 143 -3.14 -0.59 -35.19
N CYS A 144 -2.95 -1.33 -34.09
CA CYS A 144 -3.28 -0.76 -32.79
C CYS A 144 -2.41 0.46 -32.51
N GLU A 145 -1.10 0.33 -32.73
CA GLU A 145 -0.19 1.44 -32.52
C GLU A 145 -0.59 2.65 -33.35
N VAL A 146 -0.88 2.42 -34.64
CA VAL A 146 -1.27 3.52 -35.53
C VAL A 146 -2.52 4.22 -35.01
N GLY A 147 -3.46 3.45 -34.46
CA GLY A 147 -4.70 4.06 -33.96
C GLY A 147 -4.47 4.92 -32.73
N THR A 148 -3.65 4.43 -31.80
CA THR A 148 -3.35 5.22 -30.61
C THR A 148 -2.61 6.50 -30.95
N ILE A 149 -1.85 6.49 -32.05
CA ILE A 149 -1.09 7.67 -32.44
C ILE A 149 -2.02 8.71 -33.04
N ARG A 150 -2.95 8.29 -33.89
CA ARG A 150 -3.92 9.22 -34.45
C ARG A 150 -4.81 9.80 -33.37
N CYS A 151 -5.17 8.98 -32.37
CA CYS A 151 -6.00 9.45 -31.27
C CYS A 151 -5.27 10.52 -30.46
N ALA A 152 -3.96 10.36 -30.29
CA ALA A 152 -3.15 11.39 -29.64
C ALA A 152 -2.93 12.63 -30.52
N ASN A 153 -3.45 12.64 -31.76
CA ASN A 153 -3.32 13.79 -32.65
C ASN A 153 -1.84 14.04 -32.99
N ARG A 154 -1.07 12.97 -33.11
CA ARG A 154 0.38 13.09 -33.36
C ARG A 154 0.67 13.03 -34.86
N LYS A 155 1.63 13.86 -35.28
CA LYS A 155 2.04 13.90 -36.68
C LYS A 155 2.56 12.54 -37.15
N MET A 156 1.97 12.02 -38.22
CA MET A 156 2.53 10.83 -38.87
C MET A 156 1.88 10.68 -40.24
N GLU A 157 2.59 9.97 -41.12
CA GLU A 157 2.11 9.62 -42.44
C GLU A 157 2.39 8.13 -42.67
N ILE A 158 1.37 7.39 -43.08
CA ILE A 158 1.57 6.01 -43.50
C ILE A 158 2.17 6.03 -44.91
N LEU A 159 3.11 5.12 -45.16
CA LEU A 159 3.75 4.99 -46.46
C LEU A 159 3.28 3.79 -47.26
N HIS A 160 3.09 2.64 -46.61
CA HIS A 160 2.57 1.45 -47.29
C HIS A 160 2.20 0.38 -46.27
N PRO A 161 1.23 -0.49 -46.56
CA PRO A 161 1.01 -1.64 -45.67
C PRO A 161 2.21 -2.57 -45.68
N GLY A 162 2.32 -3.33 -44.60
CA GLY A 162 3.47 -4.20 -44.40
C GLY A 162 4.60 -3.49 -43.69
N LYS A 163 5.53 -4.29 -43.17
CA LYS A 163 6.68 -3.73 -42.47
C LYS A 163 7.54 -2.93 -43.42
N CYS A 164 8.32 -2.02 -42.86
CA CYS A 164 9.27 -1.25 -43.64
C CYS A 164 10.33 -2.18 -44.22
N LEU A 165 10.66 -1.97 -45.49
CA LEU A 165 11.60 -2.83 -46.19
C LEU A 165 13.04 -2.60 -45.77
N ALA A 166 13.33 -1.55 -45.02
CA ALA A 166 14.69 -1.25 -44.60
C ALA A 166 14.99 -1.83 -43.22
N GLU B 1 -0.01 -19.10 -16.43
CA GLU B 1 0.24 -17.98 -15.48
C GLU B 1 1.38 -17.10 -16.01
N VAL B 2 1.10 -15.80 -16.14
CA VAL B 2 2.15 -14.85 -16.46
C VAL B 2 3.14 -14.78 -15.29
N GLN B 3 4.43 -14.76 -15.62
CA GLN B 3 5.46 -14.78 -14.59
C GLN B 3 6.67 -13.98 -15.07
N LEU B 4 7.18 -13.13 -14.20
CA LEU B 4 8.34 -12.29 -14.47
C LEU B 4 9.28 -12.41 -13.27
N VAL B 5 10.55 -12.69 -13.54
CA VAL B 5 11.53 -13.01 -12.50
C VAL B 5 12.76 -12.15 -12.76
N GLU B 6 12.94 -11.10 -11.96
CA GLU B 6 14.14 -10.29 -12.03
C GLU B 6 15.29 -10.97 -11.31
N SER B 7 16.51 -10.63 -11.72
CA SER B 7 17.72 -11.09 -11.04
C SER B 7 18.89 -10.24 -11.54
N ASP B 8 20.11 -10.64 -11.16
CA ASP B 8 21.35 -9.93 -11.50
C ASP B 8 21.36 -8.51 -10.94
N GLY B 9 20.78 -8.31 -9.77
CA GLY B 9 20.94 -7.09 -9.00
C GLY B 9 22.09 -7.22 -8.03
N GLY B 10 21.95 -6.58 -6.87
CA GLY B 10 22.87 -6.75 -5.77
C GLY B 10 23.67 -5.50 -5.46
N LEU B 11 24.78 -5.71 -4.77
CA LEU B 11 25.65 -4.60 -4.36
C LEU B 11 26.58 -4.21 -5.49
N VAL B 12 26.77 -2.90 -5.64
CA VAL B 12 27.63 -2.31 -6.67
C VAL B 12 28.19 -1.02 -6.09
N GLN B 13 29.49 -0.79 -6.25
CA GLN B 13 30.07 0.43 -5.71
C GLN B 13 29.63 1.62 -6.55
N PRO B 14 29.68 2.84 -5.99
CA PRO B 14 29.24 4.02 -6.76
C PRO B 14 30.08 4.21 -8.01
N GLY B 15 29.40 4.55 -9.11
CA GLY B 15 30.04 4.63 -10.40
C GLY B 15 30.23 3.32 -11.12
N GLY B 16 29.92 2.19 -10.47
CA GLY B 16 30.04 0.89 -11.09
C GLY B 16 28.88 0.60 -12.00
N SER B 17 28.85 -0.64 -12.50
CA SER B 17 27.90 -1.05 -13.51
C SER B 17 27.14 -2.29 -13.06
N LEU B 18 25.93 -2.44 -13.60
CA LEU B 18 25.05 -3.56 -13.33
C LEU B 18 24.19 -3.77 -14.56
N LYS B 19 23.91 -5.02 -14.88
CA LYS B 19 22.96 -5.37 -15.94
C LYS B 19 21.89 -6.26 -15.33
N LEU B 20 20.73 -5.67 -15.06
CA LEU B 20 19.59 -6.44 -14.57
C LEU B 20 19.02 -7.29 -15.70
N SER B 21 18.44 -8.42 -15.34
CA SER B 21 17.73 -9.28 -16.27
C SER B 21 16.36 -9.59 -15.69
N CYS B 22 15.41 -9.92 -16.57
CA CYS B 22 14.05 -10.27 -16.18
C CYS B 22 13.55 -11.35 -17.12
N ALA B 23 13.34 -12.56 -16.60
CA ALA B 23 12.93 -13.70 -17.39
C ALA B 23 11.41 -13.79 -17.40
N ALA B 24 10.82 -13.80 -18.59
CA ALA B 24 9.38 -13.86 -18.76
C ALA B 24 8.94 -15.26 -19.15
N SER B 25 7.78 -15.67 -18.66
CA SER B 25 7.14 -16.91 -19.10
C SER B 25 5.63 -16.74 -18.98
N GLY B 26 4.91 -17.67 -19.60
CA GLY B 26 3.47 -17.68 -19.54
C GLY B 26 2.76 -16.80 -20.55
N PHE B 27 3.49 -16.23 -21.51
CA PHE B 27 2.88 -15.44 -22.55
C PHE B 27 3.90 -15.27 -23.66
N THR B 28 3.43 -14.79 -24.80
CA THR B 28 4.29 -14.56 -25.96
C THR B 28 5.06 -13.27 -25.71
N PHE B 29 6.33 -13.42 -25.31
CA PHE B 29 7.12 -12.28 -24.83
C PHE B 29 7.26 -11.19 -25.88
N SER B 30 7.49 -11.59 -27.13
CA SER B 30 7.74 -10.64 -28.20
C SER B 30 6.48 -9.94 -28.72
N ASP B 31 5.32 -10.22 -28.15
CA ASP B 31 4.09 -9.56 -28.52
C ASP B 31 3.80 -8.29 -27.70
N TYR B 32 4.64 -7.99 -26.70
CA TYR B 32 4.35 -6.93 -25.74
C TYR B 32 5.52 -5.98 -25.59
N TYR B 33 5.20 -4.71 -25.32
CA TYR B 33 6.15 -3.79 -24.74
C TYR B 33 6.55 -4.30 -23.35
N MET B 34 7.64 -3.76 -22.82
CA MET B 34 8.08 -4.03 -21.47
C MET B 34 8.58 -2.73 -20.86
N ALA B 35 8.62 -2.69 -19.52
CA ALA B 35 9.08 -1.50 -18.81
C ALA B 35 9.80 -1.93 -17.54
N TRP B 36 10.62 -1.01 -17.04
CA TRP B 36 11.23 -1.12 -15.72
C TRP B 36 10.69 0.00 -14.83
N VAL B 37 10.33 -0.37 -13.60
CA VAL B 37 9.88 0.57 -12.58
C VAL B 37 10.68 0.26 -11.32
N ARG B 38 11.05 1.30 -10.57
CA ARG B 38 11.87 1.15 -9.37
C ARG B 38 11.18 1.81 -8.19
N GLN B 39 11.51 1.32 -6.99
CA GLN B 39 10.96 1.82 -5.73
C GLN B 39 12.12 2.01 -4.77
N GLY B 40 12.41 3.28 -4.43
CA GLY B 40 13.51 3.60 -3.57
C GLY B 40 13.19 3.35 -2.11
N PRO B 41 14.11 3.75 -1.21
CA PRO B 41 13.85 3.52 0.22
C PRO B 41 12.68 4.30 0.77
N GLY B 42 12.38 5.47 0.19
CA GLY B 42 11.19 6.22 0.57
C GLY B 42 9.87 5.63 0.12
N LYS B 43 9.91 4.54 -0.64
CA LYS B 43 8.75 3.79 -1.09
C LYS B 43 7.91 4.52 -2.14
N GLY B 44 8.41 5.62 -2.69
CA GLY B 44 7.82 6.14 -3.90
C GLY B 44 8.08 5.20 -5.06
N LEU B 45 7.24 5.31 -6.09
CA LEU B 45 7.39 4.54 -7.31
C LEU B 45 7.79 5.47 -8.46
N GLU B 46 8.64 4.96 -9.34
CA GLU B 46 9.25 5.80 -10.37
C GLU B 46 9.51 4.95 -11.61
N TRP B 47 8.89 5.34 -12.73
CA TRP B 47 9.11 4.66 -13.99
C TRP B 47 10.51 4.98 -14.52
N VAL B 48 11.18 3.95 -15.07
CA VAL B 48 12.57 4.05 -15.50
C VAL B 48 12.67 4.07 -17.03
N ALA B 49 12.20 3.02 -17.70
CA ALA B 49 12.31 2.93 -19.16
C ALA B 49 11.22 2.00 -19.71
N THR B 50 10.95 2.13 -21.01
CA THR B 50 10.04 1.27 -21.73
C THR B 50 10.73 0.85 -23.02
N ILE B 51 10.36 -0.34 -23.56
CA ILE B 51 10.94 -0.86 -24.78
C ILE B 51 9.78 -1.40 -25.65
N ASN B 52 9.88 -1.25 -27.00
CA ASN B 52 8.84 -1.78 -27.87
C ASN B 52 9.18 -3.25 -28.16
N TYR B 53 8.36 -3.89 -29.04
CA TYR B 53 8.39 -5.35 -29.18
C TYR B 53 9.80 -5.93 -29.43
N ASP B 54 10.52 -5.32 -30.40
CA ASP B 54 11.84 -5.83 -30.84
C ASP B 54 13.05 -4.97 -30.43
N GLY B 55 12.81 -3.91 -29.67
CA GLY B 55 13.88 -3.03 -29.23
C GLY B 55 14.27 -1.93 -30.20
N SER B 56 13.49 -1.72 -31.26
CA SER B 56 13.77 -0.64 -32.20
C SER B 56 13.38 0.74 -31.68
N SER B 57 12.70 0.81 -30.53
CA SER B 57 12.31 2.08 -29.92
C SER B 57 12.42 1.93 -28.41
N THR B 58 13.07 2.90 -27.76
CA THR B 58 13.27 2.90 -26.33
C THR B 58 12.95 4.27 -25.76
N TYR B 59 12.55 4.29 -24.49
CA TYR B 59 12.08 5.49 -23.81
C TYR B 59 12.69 5.45 -22.41
N TYR B 60 13.04 6.63 -21.88
CA TYR B 60 13.80 6.72 -20.66
C TYR B 60 13.36 7.90 -19.81
N ARG B 61 13.32 7.68 -18.49
CA ARG B 61 13.21 8.77 -17.52
C ARG B 61 14.41 9.71 -17.67
N GLU B 62 14.15 11.00 -17.46
CA GLU B 62 15.16 12.02 -17.76
C GLU B 62 16.36 11.93 -16.85
N SER B 63 16.17 11.54 -15.58
CA SER B 63 17.28 11.43 -14.65
C SER B 63 18.21 10.25 -14.95
N VAL B 64 17.88 9.45 -15.94
CA VAL B 64 18.56 8.18 -16.21
C VAL B 64 19.20 8.15 -17.60
N LYS B 65 18.84 9.07 -18.48
CA LYS B 65 19.35 9.03 -19.85
C LYS B 65 20.86 9.13 -19.91
N GLY B 66 21.43 8.50 -20.93
CA GLY B 66 22.87 8.44 -21.09
C GLY B 66 23.59 7.53 -20.12
N ARG B 67 22.86 6.84 -19.24
CA ARG B 67 23.45 6.01 -18.20
C ARG B 67 22.86 4.60 -18.19
N PHE B 68 21.54 4.47 -18.32
CA PHE B 68 20.91 3.16 -18.41
C PHE B 68 20.57 2.88 -19.88
N THR B 69 20.47 1.59 -20.21
CA THR B 69 20.04 1.16 -21.54
C THR B 69 19.14 -0.04 -21.38
N ILE B 70 17.91 0.09 -21.85
CA ILE B 70 16.94 -1.00 -21.85
C ILE B 70 17.11 -1.77 -23.14
N SER B 71 17.14 -3.10 -23.03
CA SER B 71 17.29 -3.97 -24.19
C SER B 71 16.52 -5.26 -23.89
N ARG B 72 16.40 -6.10 -24.91
CA ARG B 72 15.69 -7.36 -24.75
C ARG B 72 16.24 -8.37 -25.74
N ASP B 73 15.99 -9.64 -25.42
CA ASP B 73 16.41 -10.77 -26.26
C ASP B 73 15.21 -11.71 -26.32
N ASN B 74 14.42 -11.60 -27.40
CA ASN B 74 13.17 -12.34 -27.48
C ASN B 74 13.37 -13.83 -27.72
N ALA B 75 14.54 -14.24 -28.21
CA ALA B 75 14.81 -15.66 -28.34
C ALA B 75 15.00 -16.31 -26.98
N LYS B 76 15.48 -15.56 -26.00
CA LYS B 76 15.67 -16.04 -24.63
C LYS B 76 14.57 -15.56 -23.68
N ASN B 77 13.59 -14.81 -24.18
CA ASN B 77 12.45 -14.32 -23.39
C ASN B 77 12.92 -13.50 -22.19
N THR B 78 13.87 -12.59 -22.43
CA THR B 78 14.55 -11.86 -21.37
C THR B 78 14.56 -10.37 -21.68
N LEU B 79 14.20 -9.58 -20.67
CA LEU B 79 14.36 -8.13 -20.66
C LEU B 79 15.59 -7.79 -19.84
N TYR B 80 16.29 -6.73 -20.25
CA TYR B 80 17.52 -6.30 -19.58
C TYR B 80 17.46 -4.81 -19.24
N LEU B 81 18.32 -4.42 -18.29
CA LEU B 81 18.58 -3.02 -17.99
C LEU B 81 20.07 -2.89 -17.64
N GLN B 82 20.88 -2.51 -18.62
CA GLN B 82 22.25 -2.09 -18.34
C GLN B 82 22.18 -0.78 -17.58
N MET B 83 22.99 -0.64 -16.52
CA MET B 83 23.00 0.55 -15.68
C MET B 83 24.46 0.94 -15.42
N ASN B 84 24.90 2.03 -16.04
CA ASN B 84 26.24 2.55 -15.88
C ASN B 84 26.23 3.80 -15.01
N SER B 85 27.40 4.12 -14.44
CA SER B 85 27.60 5.32 -13.63
C SER B 85 26.59 5.41 -12.50
N LEU B 86 26.49 4.32 -11.74
CA LEU B 86 25.45 4.19 -10.73
C LEU B 86 25.69 5.15 -9.57
N ARG B 87 24.62 5.79 -9.11
CA ARG B 87 24.66 6.73 -8.01
C ARG B 87 23.86 6.16 -6.83
N ALA B 88 24.11 6.75 -5.65
CA ALA B 88 23.39 6.34 -4.46
C ALA B 88 21.88 6.53 -4.63
N GLU B 89 21.46 7.55 -5.38
CA GLU B 89 20.04 7.78 -5.62
C GLU B 89 19.42 6.76 -6.57
N ASP B 90 20.21 5.86 -7.16
CA ASP B 90 19.67 4.73 -7.92
C ASP B 90 19.41 3.51 -7.07
N THR B 91 19.79 3.54 -5.79
CA THR B 91 19.46 2.44 -4.89
C THR B 91 17.95 2.27 -4.80
N ALA B 92 17.47 1.07 -5.14
CA ALA B 92 16.04 0.79 -5.16
C ALA B 92 15.83 -0.69 -5.46
N THR B 93 14.58 -1.13 -5.28
CA THR B 93 14.12 -2.40 -5.81
C THR B 93 13.57 -2.16 -7.21
N TYR B 94 14.12 -2.86 -8.20
CA TYR B 94 13.75 -2.67 -9.59
C TYR B 94 12.80 -3.79 -10.04
N TYR B 95 11.64 -3.41 -10.55
CA TYR B 95 10.66 -4.36 -11.09
C TYR B 95 10.60 -4.24 -12.61
N CYS B 96 10.50 -5.37 -13.30
CA CYS B 96 10.07 -5.36 -14.70
C CYS B 96 8.56 -5.52 -14.75
N ALA B 97 7.93 -4.83 -15.71
CA ALA B 97 6.48 -4.80 -15.82
C ALA B 97 6.07 -5.03 -17.27
N ARG B 98 4.93 -5.71 -17.43
CA ARG B 98 4.28 -5.94 -18.72
C ARG B 98 2.92 -5.27 -18.75
N PRO B 99 2.55 -4.57 -19.83
CA PRO B 99 1.23 -3.93 -19.86
C PRO B 99 0.13 -4.94 -20.18
N SER B 100 -1.10 -4.44 -20.09
CA SER B 100 -2.28 -5.12 -20.57
C SER B 100 -3.16 -4.07 -21.24
N THR B 101 -4.36 -4.48 -21.67
CA THR B 101 -5.34 -3.53 -22.17
C THR B 101 -5.98 -2.70 -21.06
N GLU B 102 -5.70 -3.02 -19.79
CA GLU B 102 -6.20 -2.26 -18.65
C GLU B 102 -5.23 -1.22 -18.15
N ALA B 103 -3.92 -1.52 -18.14
CA ALA B 103 -2.96 -0.61 -17.56
C ALA B 103 -1.59 -0.76 -18.20
N LEU B 104 -0.74 0.23 -17.97
CA LEU B 104 0.63 0.20 -18.46
C LEU B 104 1.45 -0.85 -17.73
N PHE B 105 1.28 -0.94 -16.41
CA PHE B 105 2.00 -1.87 -15.56
C PHE B 105 0.96 -2.81 -14.96
N ALA B 106 0.61 -3.86 -15.71
CA ALA B 106 -0.41 -4.80 -15.29
C ALA B 106 0.19 -5.95 -14.51
N TYR B 107 1.28 -6.52 -15.01
CA TYR B 107 1.95 -7.66 -14.40
C TYR B 107 3.33 -7.22 -13.94
N TRP B 108 3.69 -7.60 -12.72
CA TRP B 108 4.93 -7.19 -12.11
C TRP B 108 5.70 -8.40 -11.62
N GLY B 109 7.02 -8.35 -11.74
CA GLY B 109 7.86 -9.31 -11.07
C GLY B 109 7.98 -8.97 -9.59
N HIS B 110 8.67 -9.83 -8.85
CA HIS B 110 8.86 -9.59 -7.43
C HIS B 110 9.94 -8.56 -7.15
N GLY B 111 10.85 -8.32 -8.10
CA GLY B 111 11.83 -7.27 -7.97
C GLY B 111 13.19 -7.81 -7.54
N THR B 112 14.22 -7.02 -7.88
CA THR B 112 15.60 -7.31 -7.50
C THR B 112 16.17 -6.08 -6.82
N LEU B 113 16.82 -6.28 -5.67
CA LEU B 113 17.37 -5.17 -4.91
C LEU B 113 18.70 -4.73 -5.50
N VAL B 114 18.83 -3.43 -5.73
CA VAL B 114 20.07 -2.81 -6.14
C VAL B 114 20.51 -1.87 -5.03
N THR B 115 21.68 -2.14 -4.44
CA THR B 115 22.26 -1.31 -3.41
C THR B 115 23.54 -0.69 -3.96
N VAL B 116 23.58 0.65 -4.03
CA VAL B 116 24.76 1.38 -4.47
C VAL B 116 25.46 1.89 -3.22
N SER B 117 26.64 1.32 -2.92
CA SER B 117 27.34 1.64 -1.69
C SER B 117 28.78 1.19 -1.79
N SER B 118 29.66 1.95 -1.12
CA SER B 118 31.08 1.60 -1.07
C SER B 118 31.38 0.49 -0.05
N ALA B 119 30.48 0.26 0.90
CA ALA B 119 30.73 -0.70 1.95
C ALA B 119 30.82 -2.11 1.39
N SER B 120 31.53 -2.98 2.11
CA SER B 120 31.82 -4.32 1.64
C SER B 120 30.81 -5.33 2.19
N THR B 121 30.62 -6.41 1.45
CA THR B 121 29.75 -7.49 1.90
C THR B 121 30.31 -8.14 3.16
N LYS B 122 29.42 -8.37 4.13
CA LYS B 122 29.79 -8.96 5.41
C LYS B 122 28.64 -9.79 5.93
N GLY B 123 28.94 -11.00 6.40
CA GLY B 123 27.93 -11.87 6.97
C GLY B 123 27.67 -11.55 8.42
N PRO B 124 26.50 -11.95 8.94
CA PRO B 124 26.16 -11.60 10.33
C PRO B 124 26.72 -12.58 11.36
N SER B 125 26.83 -12.07 12.59
CA SER B 125 26.90 -12.90 13.77
C SER B 125 25.49 -13.08 14.31
N VAL B 126 25.18 -14.30 14.76
CA VAL B 126 23.86 -14.63 15.31
C VAL B 126 24.03 -14.96 16.78
N PHE B 127 23.31 -14.23 17.63
CA PHE B 127 23.37 -14.36 19.08
C PHE B 127 22.01 -14.71 19.64
N PRO B 128 21.92 -15.46 20.74
CA PRO B 128 20.61 -15.80 21.28
C PRO B 128 20.00 -14.66 22.07
N LEU B 129 18.68 -14.57 21.99
CA LEU B 129 17.86 -13.72 22.85
C LEU B 129 17.05 -14.65 23.75
N ALA B 130 17.49 -14.80 25.00
CA ALA B 130 16.84 -15.65 26.00
C ALA B 130 16.70 -14.88 27.29
N PRO B 131 15.72 -15.23 28.15
CA PRO B 131 15.62 -14.53 29.44
C PRO B 131 16.80 -14.83 30.35
N CYS B 132 17.01 -13.87 31.28
CA CYS B 132 17.96 -14.11 32.33
C CYS B 132 17.68 -15.37 33.16
N SER B 133 16.40 -15.68 33.36
CA SER B 133 15.91 -16.79 34.14
C SER B 133 15.01 -17.73 33.33
N ARG B 134 14.97 -19.02 33.72
CA ARG B 134 14.40 -20.03 32.82
C ARG B 134 12.91 -19.77 32.47
N SER B 135 12.08 -19.46 33.50
CA SER B 135 10.65 -19.29 33.26
C SER B 135 9.88 -18.17 34.00
N THR B 136 9.79 -18.23 35.37
CA THR B 136 9.03 -17.32 36.22
C THR B 136 7.55 -17.68 36.08
N SER B 137 6.67 -16.99 36.83
CA SER B 137 5.27 -17.40 36.86
C SER B 137 4.55 -17.29 35.52
N GLU B 138 4.95 -16.31 34.67
CA GLU B 138 4.36 -16.00 33.38
C GLU B 138 3.98 -17.24 32.60
N SER B 139 2.78 -17.17 31.97
CA SER B 139 2.31 -18.25 31.15
C SER B 139 2.89 -18.29 29.73
N THR B 140 3.52 -17.20 29.32
CA THR B 140 4.17 -17.06 28.02
C THR B 140 5.61 -16.63 28.22
N ALA B 141 6.48 -17.13 27.33
CA ALA B 141 7.90 -16.80 27.33
C ALA B 141 8.31 -16.40 25.91
N ALA B 142 9.17 -15.39 25.82
CA ALA B 142 9.70 -14.91 24.56
C ALA B 142 11.16 -15.33 24.41
N LEU B 143 11.53 -15.72 23.21
CA LEU B 143 12.93 -15.99 22.87
C LEU B 143 13.14 -15.59 21.41
N GLY B 144 14.40 -15.37 21.06
CA GLY B 144 14.72 -14.94 19.71
C GLY B 144 16.18 -15.13 19.41
N CYS B 145 16.60 -14.61 18.26
CA CYS B 145 18.01 -14.55 17.93
C CYS B 145 18.28 -13.22 17.24
N LEU B 146 19.42 -12.62 17.61
CA LEU B 146 19.83 -11.32 17.11
C LEU B 146 20.82 -11.51 15.98
N VAL B 147 20.47 -11.03 14.80
CA VAL B 147 21.30 -11.15 13.60
C VAL B 147 21.99 -9.81 13.41
N LYS B 148 23.27 -9.74 13.76
CA LYS B 148 23.97 -8.48 13.95
C LYS B 148 25.12 -8.35 12.96
N ASP B 149 25.30 -7.13 12.46
CA ASP B 149 26.48 -6.69 11.71
C ASP B 149 26.65 -7.49 10.39
N TYR B 150 25.75 -7.17 9.45
CA TYR B 150 25.86 -7.69 8.09
C TYR B 150 25.64 -6.58 7.07
N PHE B 151 26.02 -6.87 5.83
CA PHE B 151 25.83 -5.95 4.70
C PHE B 151 25.99 -6.72 3.41
N PRO B 152 25.19 -6.44 2.36
CA PRO B 152 24.01 -5.57 2.24
C PRO B 152 22.78 -6.31 2.73
N GLU B 153 21.60 -5.71 2.57
CA GLU B 153 20.38 -6.45 2.77
C GLU B 153 20.24 -7.52 1.67
N PRO B 154 19.40 -8.55 1.89
CA PRO B 154 18.58 -8.89 3.04
C PRO B 154 19.03 -10.18 3.74
N VAL B 155 18.53 -10.41 4.95
CA VAL B 155 18.59 -11.72 5.57
C VAL B 155 17.15 -12.20 5.73
N THR B 156 16.97 -13.52 5.67
CA THR B 156 15.72 -14.18 5.99
C THR B 156 15.92 -15.04 7.23
N VAL B 157 14.90 -15.07 8.09
CA VAL B 157 14.93 -15.87 9.31
C VAL B 157 13.68 -16.74 9.35
N SER B 158 13.86 -18.03 9.59
CA SER B 158 12.77 -18.96 9.87
C SER B 158 13.06 -19.62 11.21
N TRP B 159 12.05 -20.28 11.77
CA TRP B 159 12.15 -20.95 13.05
C TRP B 159 11.78 -22.42 12.89
N ASN B 160 12.65 -23.30 13.40
CA ASN B 160 12.50 -24.75 13.28
C ASN B 160 12.28 -25.16 11.83
N SER B 161 13.01 -24.52 10.92
CA SER B 161 13.01 -24.86 9.49
C SER B 161 11.62 -24.66 8.88
N GLY B 162 10.93 -23.60 9.32
CA GLY B 162 9.61 -23.28 8.81
C GLY B 162 8.47 -23.94 9.55
N ALA B 163 8.73 -24.92 10.41
CA ALA B 163 7.65 -25.59 11.12
C ALA B 163 7.02 -24.72 12.19
N LEU B 164 7.72 -23.68 12.66
CA LEU B 164 7.20 -22.77 13.67
C LEU B 164 6.97 -21.42 13.02
N THR B 165 5.70 -21.00 12.95
CA THR B 165 5.31 -19.72 12.36
C THR B 165 4.42 -18.92 13.31
N SER B 166 3.58 -19.61 14.08
CA SER B 166 2.66 -18.95 14.99
C SER B 166 3.44 -18.25 16.10
N GLY B 167 3.20 -16.95 16.24
CA GLY B 167 3.88 -16.15 17.25
C GLY B 167 5.23 -15.59 16.84
N VAL B 168 5.65 -15.82 15.60
CA VAL B 168 6.96 -15.36 15.14
C VAL B 168 6.84 -13.92 14.68
N HIS B 169 7.82 -13.09 15.09
CA HIS B 169 7.95 -11.72 14.62
C HIS B 169 9.39 -11.48 14.22
N THR B 170 9.62 -11.21 12.95
CA THR B 170 10.94 -10.90 12.40
C THR B 170 10.95 -9.42 12.04
N PHE B 171 11.79 -8.64 12.74
CA PHE B 171 11.71 -7.19 12.66
C PHE B 171 12.44 -6.66 11.42
N PRO B 172 12.05 -5.47 10.92
CA PRO B 172 12.85 -4.83 9.87
C PRO B 172 14.26 -4.53 10.37
N ALA B 173 15.22 -4.62 9.46
CA ALA B 173 16.60 -4.31 9.79
C ALA B 173 16.74 -2.82 10.07
N VAL B 174 17.64 -2.49 11.00
CA VAL B 174 18.05 -1.13 11.27
C VAL B 174 19.49 -0.95 10.81
N LEU B 175 19.77 0.17 10.18
CA LEU B 175 21.14 0.53 9.80
C LEU B 175 21.79 1.19 11.01
N GLN B 176 22.80 0.53 11.58
CA GLN B 176 23.51 1.06 12.74
C GLN B 176 24.66 1.95 12.25
N SER B 177 25.13 2.81 13.15
CA SER B 177 26.01 3.91 12.76
C SER B 177 27.35 3.43 12.19
N SER B 178 27.72 2.17 12.43
CA SER B 178 28.88 1.59 11.77
C SER B 178 28.68 1.40 10.26
N GLY B 179 27.45 1.47 9.77
CA GLY B 179 27.15 1.23 8.38
C GLY B 179 26.70 -0.18 8.06
N LEU B 180 26.76 -1.09 9.02
CA LEU B 180 26.24 -2.45 8.87
C LEU B 180 24.81 -2.51 9.37
N TYR B 181 24.09 -3.55 8.96
CA TYR B 181 22.72 -3.75 9.37
C TYR B 181 22.62 -4.68 10.57
N SER B 182 21.46 -4.65 11.22
CA SER B 182 21.17 -5.55 12.32
C SER B 182 19.66 -5.72 12.42
N LEU B 183 19.22 -6.94 12.71
CA LEU B 183 17.81 -7.19 12.97
C LEU B 183 17.71 -8.24 14.06
N SER B 184 16.48 -8.48 14.50
CA SER B 184 16.18 -9.54 15.44
C SER B 184 14.90 -10.24 15.02
N SER B 185 14.84 -11.53 15.30
CA SER B 185 13.64 -12.34 15.13
C SER B 185 13.29 -12.93 16.49
N VAL B 186 12.00 -12.92 16.83
CA VAL B 186 11.53 -13.36 18.14
C VAL B 186 10.29 -14.22 17.95
N VAL B 187 10.04 -15.06 18.96
CA VAL B 187 8.85 -15.90 19.00
C VAL B 187 8.39 -16.02 20.45
N THR B 188 7.08 -15.96 20.66
CA THR B 188 6.49 -16.21 21.97
C THR B 188 5.95 -17.63 22.00
N VAL B 189 6.15 -18.30 23.13
CA VAL B 189 5.79 -19.73 23.29
C VAL B 189 5.23 -19.91 24.70
N PRO B 190 4.42 -20.96 24.89
CA PRO B 190 4.02 -21.28 26.28
C PRO B 190 5.21 -21.74 27.09
N SER B 191 5.32 -21.21 28.31
CA SER B 191 6.49 -21.49 29.15
C SER B 191 6.60 -22.97 29.52
N SER B 192 5.48 -23.71 29.46
CA SER B 192 5.55 -25.15 29.71
C SER B 192 6.40 -25.86 28.68
N SER B 193 6.48 -25.32 27.46
CA SER B 193 7.18 -25.98 26.36
C SER B 193 8.70 -25.87 26.45
N LEU B 194 9.24 -25.11 27.40
CA LEU B 194 10.67 -24.83 27.41
C LEU B 194 11.52 -26.00 27.89
N GLY B 195 10.91 -27.15 28.18
CA GLY B 195 11.64 -28.35 28.51
C GLY B 195 11.39 -29.49 27.53
N THR B 196 10.25 -29.43 26.83
CA THR B 196 9.83 -30.49 25.92
C THR B 196 10.20 -30.21 24.47
N LYS B 197 10.13 -28.95 24.03
CA LYS B 197 10.37 -28.58 22.64
C LYS B 197 11.57 -27.66 22.54
N THR B 198 12.30 -27.79 21.42
CA THR B 198 13.46 -26.97 21.12
C THR B 198 13.09 -25.90 20.11
N TYR B 199 13.85 -24.80 20.11
CA TYR B 199 13.57 -23.65 19.26
C TYR B 199 14.87 -23.19 18.59
N THR B 200 14.89 -23.26 17.27
CA THR B 200 16.08 -22.98 16.46
C THR B 200 15.72 -21.99 15.37
N CYS B 201 16.48 -20.91 15.28
CA CYS B 201 16.29 -19.92 14.22
C CYS B 201 17.28 -20.18 13.10
N ASN B 202 16.79 -20.12 11.87
CA ASN B 202 17.57 -20.43 10.67
C ASN B 202 17.82 -19.14 9.90
N VAL B 203 19.06 -18.65 9.97
CA VAL B 203 19.43 -17.38 9.39
C VAL B 203 20.12 -17.63 8.06
N ASP B 204 19.75 -16.84 7.04
CA ASP B 204 20.32 -16.96 5.70
C ASP B 204 20.63 -15.56 5.19
N HIS B 205 21.91 -15.30 4.92
CA HIS B 205 22.38 -14.07 4.28
C HIS B 205 23.01 -14.49 2.96
N LYS B 206 22.18 -14.55 1.92
CA LYS B 206 22.67 -15.00 0.62
C LYS B 206 23.79 -14.15 0.00
N PRO B 207 23.84 -12.83 0.20
CA PRO B 207 24.98 -12.08 -0.36
C PRO B 207 26.34 -12.54 0.11
N SER B 208 26.44 -13.08 1.33
CA SER B 208 27.69 -13.59 1.87
C SER B 208 27.76 -15.12 1.90
N ASN B 209 26.75 -15.81 1.36
CA ASN B 209 26.65 -17.28 1.38
C ASN B 209 26.78 -17.81 2.82
N THR B 210 26.00 -17.20 3.70
CA THR B 210 26.00 -17.53 5.11
C THR B 210 24.70 -18.22 5.48
N LYS B 211 24.81 -19.39 6.10
CA LYS B 211 23.66 -20.10 6.67
C LYS B 211 24.01 -20.49 8.10
N VAL B 212 23.14 -20.11 9.05
CA VAL B 212 23.36 -20.36 10.46
C VAL B 212 22.07 -20.88 11.08
N ASP B 213 22.18 -21.99 11.80
CA ASP B 213 21.12 -22.52 12.66
C ASP B 213 21.53 -22.32 14.11
N LYS B 214 20.77 -21.50 14.83
CA LYS B 214 21.09 -21.12 16.20
C LYS B 214 19.97 -21.59 17.11
N ARG B 215 20.28 -22.57 17.96
CA ARG B 215 19.34 -23.01 18.98
C ARG B 215 19.40 -22.06 20.18
N VAL B 216 18.24 -21.64 20.65
CA VAL B 216 18.10 -20.64 21.70
C VAL B 216 17.55 -21.33 22.94
N GLU B 217 18.33 -21.31 24.02
CA GLU B 217 17.92 -21.82 25.31
C GLU B 217 18.31 -20.82 26.38
N SER B 218 17.58 -20.83 27.49
CA SER B 218 17.83 -19.89 28.58
C SER B 218 18.95 -20.42 29.47
N SER B 219 20.01 -19.63 29.62
CA SER B 219 21.17 -20.04 30.41
C SER B 219 20.82 -20.28 31.87
N GLN C 1 -2.22 24.15 39.12
CA GLN C 1 -1.69 22.99 38.40
C GLN C 1 -2.78 22.49 37.45
N VAL C 2 -2.46 21.47 36.65
CA VAL C 2 -3.43 20.90 35.71
C VAL C 2 -4.44 20.09 36.51
N GLN C 3 -5.70 20.54 36.52
CA GLN C 3 -6.76 19.91 37.29
C GLN C 3 -7.72 19.23 36.32
N LEU C 4 -8.06 17.97 36.61
CA LEU C 4 -9.09 17.23 35.89
C LEU C 4 -10.16 16.82 36.90
N GLN C 5 -11.43 16.97 36.51
CA GLN C 5 -12.54 16.62 37.39
C GLN C 5 -13.62 15.91 36.57
N GLU C 6 -13.85 14.64 36.88
CA GLU C 6 -14.90 13.88 36.23
C GLU C 6 -16.25 14.14 36.89
N SER C 7 -17.31 14.01 36.09
CA SER C 7 -18.66 14.11 36.61
C SER C 7 -19.56 13.20 35.78
N GLY C 8 -20.79 13.02 36.26
CA GLY C 8 -21.78 12.22 35.57
C GLY C 8 -22.01 10.84 36.15
N GLY C 9 -21.23 10.43 37.15
CA GLY C 9 -21.38 9.10 37.71
C GLY C 9 -22.72 8.93 38.42
N GLY C 10 -23.31 7.75 38.25
CA GLY C 10 -24.54 7.43 38.93
C GLY C 10 -24.86 5.96 38.76
N LEU C 11 -26.05 5.57 39.23
CA LEU C 11 -26.52 4.21 39.10
C LEU C 11 -27.48 4.09 37.92
N VAL C 12 -27.41 2.96 37.22
CA VAL C 12 -28.27 2.69 36.06
C VAL C 12 -28.61 1.21 36.07
N GLN C 13 -29.68 0.87 35.35
CA GLN C 13 -30.04 -0.52 35.10
C GLN C 13 -29.12 -1.12 34.02
N PRO C 14 -29.02 -2.44 33.95
CA PRO C 14 -28.43 -3.06 32.75
C PRO C 14 -29.20 -2.68 31.49
N GLY C 15 -28.46 -2.36 30.43
CA GLY C 15 -29.03 -1.86 29.21
C GLY C 15 -29.12 -0.35 29.13
N GLY C 16 -29.06 0.33 30.27
CA GLY C 16 -29.21 1.77 30.32
C GLY C 16 -28.03 2.54 29.75
N SER C 17 -27.97 3.83 30.06
CA SER C 17 -27.05 4.74 29.41
C SER C 17 -26.56 5.78 30.41
N LEU C 18 -25.33 6.24 30.19
CA LEU C 18 -24.73 7.28 31.02
C LEU C 18 -23.76 8.08 30.17
N ARG C 19 -23.64 9.38 30.48
CA ARG C 19 -22.69 10.27 29.84
C ARG C 19 -21.80 10.87 30.92
N LEU C 20 -20.55 10.42 30.96
CA LEU C 20 -19.55 11.04 31.82
C LEU C 20 -18.93 12.23 31.09
N SER C 21 -18.44 13.18 31.87
CA SER C 21 -17.69 14.31 31.33
C SER C 21 -16.47 14.53 32.22
N CYS C 22 -15.46 15.18 31.67
CA CYS C 22 -14.22 15.45 32.39
C CYS C 22 -13.70 16.80 31.94
N ALA C 23 -13.80 17.79 32.83
CA ALA C 23 -13.42 19.17 32.52
C ALA C 23 -12.00 19.44 33.02
N ALA C 24 -11.18 20.00 32.15
CA ALA C 24 -9.79 20.31 32.46
C ALA C 24 -9.60 21.80 32.68
N SER C 25 -8.63 22.13 33.52
CA SER C 25 -8.21 23.51 33.74
C SER C 25 -6.71 23.51 33.96
N GLY C 26 -6.12 24.71 33.88
CA GLY C 26 -4.69 24.87 34.03
C GLY C 26 -3.89 24.64 32.77
N ARG C 27 -4.50 24.15 31.69
CA ARG C 27 -3.81 23.93 30.43
C ARG C 27 -4.85 23.55 29.38
N THR C 28 -4.56 23.91 28.13
CA THR C 28 -5.47 23.67 27.02
C THR C 28 -5.31 22.24 26.53
N ILE C 29 -6.40 21.46 26.55
CA ILE C 29 -6.30 20.06 26.17
C ILE C 29 -6.18 19.84 24.67
N SER C 30 -6.36 20.90 23.87
CA SER C 30 -6.59 20.72 22.44
C SER C 30 -5.42 20.04 21.73
N ARG C 31 -4.21 20.16 22.28
CA ARG C 31 -3.03 19.55 21.69
C ARG C 31 -2.72 18.16 22.26
N TYR C 32 -3.55 17.65 23.17
CA TYR C 32 -3.25 16.41 23.90
C TYR C 32 -4.39 15.42 23.76
N ALA C 33 -4.02 14.14 23.64
CA ALA C 33 -4.99 13.07 23.76
C ALA C 33 -5.53 13.02 25.20
N MET C 34 -6.80 12.63 25.31
CA MET C 34 -7.47 12.49 26.59
C MET C 34 -8.04 11.08 26.65
N SER C 35 -7.74 10.37 27.74
CA SER C 35 -8.09 8.95 27.86
C SER C 35 -8.96 8.70 29.08
N TRP C 36 -9.81 7.70 28.96
CA TRP C 36 -10.64 7.22 30.06
C TRP C 36 -10.11 5.87 30.52
N PHE C 37 -9.98 5.72 31.84
CA PHE C 37 -9.65 4.47 32.50
C PHE C 37 -10.76 4.16 33.50
N ARG C 38 -10.73 2.94 34.04
CA ARG C 38 -11.69 2.57 35.06
C ARG C 38 -11.06 1.54 35.99
N GLN C 39 -11.55 1.51 37.23
CA GLN C 39 -11.04 0.60 38.25
C GLN C 39 -12.20 0.15 39.13
N ALA C 40 -12.55 -1.12 39.03
CA ALA C 40 -13.49 -1.69 40.00
C ALA C 40 -12.83 -1.73 41.37
N PRO C 41 -13.62 -1.71 42.46
CA PRO C 41 -13.00 -1.67 43.80
C PRO C 41 -12.20 -2.93 44.09
N GLY C 42 -10.92 -2.73 44.41
CA GLY C 42 -10.03 -3.83 44.68
C GLY C 42 -9.47 -4.53 43.46
N LYS C 43 -9.65 -3.96 42.27
CA LYS C 43 -9.17 -4.52 41.01
C LYS C 43 -8.11 -3.58 40.42
N GLU C 44 -7.58 -3.96 39.25
CA GLU C 44 -6.59 -3.16 38.56
C GLU C 44 -7.26 -2.13 37.66
N ARG C 45 -6.60 -0.98 37.53
CA ARG C 45 -7.08 0.07 36.64
C ARG C 45 -6.81 -0.30 35.20
N GLU C 46 -7.85 -0.24 34.35
CA GLU C 46 -7.78 -0.70 32.98
C GLU C 46 -8.25 0.38 32.01
N PHE C 47 -7.63 0.37 30.83
CA PHE C 47 -7.97 1.32 29.78
C PHE C 47 -9.40 1.11 29.29
N VAL C 48 -10.05 2.23 28.92
CA VAL C 48 -11.41 2.22 28.41
C VAL C 48 -11.46 2.84 27.01
N ALA C 49 -10.97 4.07 26.87
CA ALA C 49 -11.05 4.76 25.60
C ALA C 49 -10.11 5.95 25.61
N VAL C 50 -9.73 6.40 24.41
CA VAL C 50 -8.89 7.57 24.23
C VAL C 50 -9.44 8.39 23.06
N ALA C 51 -9.62 9.69 23.30
CA ALA C 51 -9.89 10.66 22.24
C ALA C 51 -8.59 11.41 21.98
N ARG C 52 -8.00 11.19 20.80
CA ARG C 52 -6.80 11.91 20.39
C ARG C 52 -7.21 13.29 19.92
N ARG C 53 -6.27 14.06 19.34
CA ARG C 53 -6.62 15.34 18.77
C ARG C 53 -7.67 15.17 17.67
N SER C 54 -8.44 16.24 17.44
CA SER C 54 -9.49 16.24 16.43
C SER C 54 -8.96 15.82 15.07
N GLY C 55 -9.52 14.75 14.54
CA GLY C 55 -9.11 14.19 13.28
C GLY C 55 -8.16 13.01 13.38
N ASP C 56 -7.46 12.86 14.50
CA ASP C 56 -6.54 11.76 14.72
C ASP C 56 -7.19 10.54 15.35
N GLY C 57 -8.52 10.52 15.47
CA GLY C 57 -9.26 9.31 15.76
C GLY C 57 -9.48 9.06 17.24
N ALA C 58 -10.30 8.03 17.50
CA ALA C 58 -10.60 7.55 18.83
C ALA C 58 -10.41 6.03 18.85
N PHE C 59 -9.95 5.51 19.99
CA PHE C 59 -9.60 4.11 20.13
C PHE C 59 -10.18 3.60 21.45
N TYR C 60 -10.59 2.33 21.46
CA TYR C 60 -11.39 1.77 22.53
C TYR C 60 -10.86 0.41 23.00
N ALA C 61 -11.18 0.11 24.25
CA ALA C 61 -10.89 -1.22 24.81
C ALA C 61 -11.80 -2.26 24.19
N ASP C 62 -11.36 -3.52 24.28
CA ASP C 62 -12.13 -4.62 23.71
C ASP C 62 -13.46 -4.80 24.42
N SER C 63 -13.51 -4.53 25.72
CA SER C 63 -14.72 -4.79 26.50
C SER C 63 -15.83 -3.78 26.25
N VAL C 64 -15.53 -2.62 25.68
CA VAL C 64 -16.50 -1.55 25.49
C VAL C 64 -16.71 -1.18 24.03
N GLN C 65 -16.05 -1.86 23.10
CA GLN C 65 -16.16 -1.54 21.68
C GLN C 65 -17.61 -1.68 21.22
N GLY C 66 -18.08 -0.66 20.50
CA GLY C 66 -19.43 -0.63 19.99
C GLY C 66 -20.46 -0.08 20.95
N ARG C 67 -20.17 -0.11 22.25
CA ARG C 67 -21.10 0.37 23.28
C ARG C 67 -20.75 1.77 23.77
N PHE C 68 -19.47 2.07 23.94
CA PHE C 68 -19.02 3.35 24.48
C PHE C 68 -18.52 4.23 23.34
N THR C 69 -18.72 5.54 23.49
CA THR C 69 -18.24 6.54 22.53
C THR C 69 -17.57 7.66 23.31
N VAL C 70 -16.39 8.07 22.86
CA VAL C 70 -15.64 9.15 23.48
C VAL C 70 -15.63 10.33 22.50
N SER C 71 -15.67 11.54 23.05
CA SER C 71 -15.71 12.75 22.23
C SER C 71 -15.08 13.89 23.03
N ARG C 72 -14.82 15.00 22.34
CA ARG C 72 -14.19 16.16 22.92
C ARG C 72 -14.99 17.42 22.59
N ASP C 73 -14.75 18.46 23.39
CA ASP C 73 -15.19 19.83 23.10
C ASP C 73 -14.02 20.71 23.53
N ASP C 74 -13.12 20.99 22.58
CA ASP C 74 -11.89 21.72 22.93
C ASP C 74 -12.18 23.13 23.41
N ALA C 75 -13.28 23.74 22.93
CA ALA C 75 -13.66 25.06 23.42
C ALA C 75 -14.02 25.01 24.90
N LYS C 76 -14.72 23.96 25.32
CA LYS C 76 -15.03 23.76 26.73
C LYS C 76 -13.90 23.13 27.52
N ASN C 77 -12.82 22.71 26.86
CA ASN C 77 -11.70 22.03 27.52
C ASN C 77 -12.16 20.76 28.22
N THR C 78 -13.14 20.08 27.62
CA THR C 78 -13.83 18.96 28.23
C THR C 78 -13.86 17.80 27.25
N VAL C 79 -13.83 16.58 27.80
CA VAL C 79 -14.05 15.36 27.04
C VAL C 79 -15.16 14.56 27.72
N TYR C 80 -15.85 13.74 26.93
CA TYR C 80 -17.02 13.01 27.36
C TYR C 80 -16.87 11.54 27.02
N LEU C 81 -17.51 10.69 27.83
CA LEU C 81 -17.61 9.26 27.57
C LEU C 81 -19.09 8.90 27.56
N GLN C 82 -19.64 8.66 26.38
CA GLN C 82 -21.04 8.25 26.23
C GLN C 82 -21.10 6.75 26.39
N MET C 83 -21.68 6.28 27.49
CA MET C 83 -21.75 4.86 27.82
C MET C 83 -23.16 4.38 27.51
N ASN C 84 -23.27 3.34 26.67
CA ASN C 84 -24.55 2.75 26.30
C ASN C 84 -24.49 1.24 26.54
N SER C 85 -25.67 0.63 26.61
CA SER C 85 -25.84 -0.81 26.81
C SER C 85 -25.03 -1.29 28.01
N LEU C 86 -25.18 -0.60 29.14
CA LEU C 86 -24.37 -0.88 30.31
C LEU C 86 -24.68 -2.26 30.88
N LYS C 87 -23.66 -2.85 31.50
CA LYS C 87 -23.69 -4.22 32.03
C LYS C 87 -23.12 -4.18 33.44
N PRO C 88 -23.40 -5.20 34.25
CA PRO C 88 -22.85 -5.18 35.63
C PRO C 88 -21.34 -5.17 35.70
N GLU C 89 -20.66 -5.63 34.65
CA GLU C 89 -19.21 -5.62 34.61
C GLU C 89 -18.62 -4.24 34.34
N ASP C 90 -19.45 -3.26 33.97
CA ASP C 90 -19.00 -1.88 33.81
C ASP C 90 -18.93 -1.12 35.13
N THR C 91 -19.38 -1.72 36.23
CA THR C 91 -19.34 -1.04 37.53
C THR C 91 -17.90 -0.80 37.93
N ALA C 92 -17.55 0.46 38.18
CA ALA C 92 -16.20 0.84 38.53
C ALA C 92 -16.17 2.35 38.75
N VAL C 93 -15.06 2.82 39.33
CA VAL C 93 -14.74 4.24 39.33
C VAL C 93 -14.04 4.54 38.00
N TYR C 94 -14.50 5.60 37.31
CA TYR C 94 -14.00 5.96 36.00
C TYR C 94 -13.16 7.22 36.09
N TYR C 95 -11.93 7.16 35.58
CA TYR C 95 -10.97 8.26 35.64
C TYR C 95 -10.68 8.75 34.23
N CYS C 96 -10.53 10.07 34.08
CA CYS C 96 -9.95 10.64 32.87
C CYS C 96 -8.49 11.00 33.14
N ALA C 97 -7.69 10.98 32.08
CA ALA C 97 -6.28 11.30 32.18
C ALA C 97 -5.85 11.99 30.89
N ILE C 98 -4.86 12.87 31.01
CA ILE C 98 -4.29 13.56 29.86
C ILE C 98 -2.98 12.88 29.48
N ASP C 99 -2.78 12.68 28.19
CA ASP C 99 -1.52 12.19 27.64
C ASP C 99 -0.64 13.43 27.39
N SER C 100 0.37 13.62 28.22
CA SER C 100 1.24 14.77 28.08
C SER C 100 2.11 14.70 26.83
N ASP C 101 2.26 13.51 26.23
CA ASP C 101 3.05 13.36 25.01
C ASP C 101 2.14 13.62 23.81
N THR C 102 2.40 14.72 23.10
CA THR C 102 1.61 15.04 21.91
C THR C 102 1.78 14.02 20.80
N PHE C 103 2.82 13.19 20.86
CA PHE C 103 3.03 12.10 19.93
C PHE C 103 2.39 10.78 20.39
N TYR C 104 1.59 10.82 21.46
CA TYR C 104 0.61 9.77 21.78
C TYR C 104 1.26 8.48 22.31
N SER C 105 2.33 8.60 23.11
CA SER C 105 2.93 7.42 23.72
C SER C 105 2.28 7.04 25.05
N GLY C 106 1.37 7.86 25.57
CA GLY C 106 0.65 7.50 26.78
C GLY C 106 1.36 7.89 28.06
N SER C 107 1.89 9.12 28.11
CA SER C 107 2.53 9.63 29.32
C SER C 107 1.47 10.30 30.17
N TYR C 108 0.77 9.47 30.95
CA TYR C 108 -0.38 9.92 31.74
C TYR C 108 0.15 10.51 33.04
N ASP C 109 0.30 11.83 33.04
CA ASP C 109 0.90 12.55 34.16
C ASP C 109 -0.11 13.14 35.12
N TYR C 110 -1.31 13.49 34.63
CA TYR C 110 -2.35 14.11 35.44
C TYR C 110 -3.63 13.30 35.34
N TRP C 111 -4.26 13.07 36.49
CA TRP C 111 -5.44 12.24 36.60
C TRP C 111 -6.50 12.96 37.41
N GLY C 112 -7.77 12.73 37.05
CA GLY C 112 -8.86 13.15 37.89
C GLY C 112 -9.01 12.20 39.07
N GLN C 113 -9.90 12.58 40.00
CA GLN C 113 -10.15 11.76 41.17
C GLN C 113 -11.14 10.62 40.91
N GLY C 114 -11.91 10.70 39.85
CA GLY C 114 -12.80 9.62 39.45
C GLY C 114 -14.24 9.87 39.83
N THR C 115 -15.15 9.25 39.07
CA THR C 115 -16.58 9.30 39.32
C THR C 115 -17.16 7.88 39.24
N GLN C 116 -18.05 7.56 40.17
CA GLN C 116 -18.50 6.18 40.33
C GLN C 116 -19.66 5.87 39.40
N VAL C 117 -19.53 4.75 38.68
CA VAL C 117 -20.59 4.19 37.85
C VAL C 117 -20.99 2.84 38.44
N THR C 118 -22.28 2.68 38.70
CA THR C 118 -22.84 1.45 39.26
C THR C 118 -23.94 0.94 38.32
N VAL C 119 -23.93 -0.36 38.06
CA VAL C 119 -24.92 -1.01 37.21
C VAL C 119 -25.63 -2.05 38.04
N SER C 120 -26.97 -2.08 37.94
CA SER C 120 -27.82 -2.55 39.02
C SER C 120 -27.73 -4.04 39.32
N SER C 121 -27.05 -4.83 38.49
CA SER C 121 -26.84 -6.25 38.77
C SER C 121 -28.20 -6.95 38.80
N GLU C 122 -28.32 -8.01 39.61
CA GLU C 122 -29.53 -8.85 39.70
C GLU C 122 -30.12 -9.23 38.35
N ASP D 1 6.77 17.79 -14.94
CA ASP D 1 6.27 16.51 -14.37
C ASP D 1 4.99 16.73 -13.56
N VAL D 2 3.94 16.01 -13.94
CA VAL D 2 2.70 16.06 -13.19
C VAL D 2 2.93 15.48 -11.81
N VAL D 3 2.58 16.25 -10.78
CA VAL D 3 2.72 15.82 -9.39
C VAL D 3 1.36 15.38 -8.89
N LEU D 4 1.29 14.14 -8.39
CA LEU D 4 0.08 13.61 -7.78
C LEU D 4 0.27 13.61 -6.27
N THR D 5 -0.59 14.34 -5.56
CA THR D 5 -0.50 14.53 -4.12
C THR D 5 -1.69 13.84 -3.46
N GLN D 6 -1.41 12.74 -2.77
CA GLN D 6 -2.46 11.94 -2.14
C GLN D 6 -2.77 12.44 -0.74
N THR D 7 -4.02 12.25 -0.31
CA THR D 7 -4.49 12.67 0.99
C THR D 7 -5.55 11.69 1.45
N PRO D 8 -5.48 11.17 2.70
CA PRO D 8 -4.47 11.35 3.77
C PRO D 8 -3.23 10.53 3.43
N SER D 9 -2.14 10.77 4.17
CA SER D 9 -0.97 9.89 4.05
C SER D 9 -1.17 8.60 4.84
N THR D 10 -1.99 8.63 5.87
CA THR D 10 -2.33 7.44 6.65
C THR D 10 -3.79 7.52 7.06
N LEU D 11 -4.43 6.35 7.14
CA LEU D 11 -5.76 6.26 7.71
C LEU D 11 -5.93 4.88 8.32
N SER D 12 -6.72 4.81 9.39
CA SER D 12 -7.01 3.58 10.11
C SER D 12 -8.50 3.29 9.99
N VAL D 13 -8.84 2.08 9.54
CA VAL D 13 -10.21 1.69 9.24
C VAL D 13 -10.51 0.38 9.97
N THR D 14 -11.61 0.38 10.71
CA THR D 14 -12.09 -0.87 11.31
C THR D 14 -12.55 -1.81 10.20
N PRO D 15 -12.29 -3.13 10.31
CA PRO D 15 -12.84 -4.05 9.30
C PRO D 15 -14.36 -3.98 9.24
N GLY D 16 -14.88 -3.91 8.01
CA GLY D 16 -16.27 -3.71 7.75
C GLY D 16 -16.63 -2.28 7.42
N GLN D 17 -15.83 -1.31 7.87
CA GLN D 17 -16.10 0.11 7.64
C GLN D 17 -15.57 0.54 6.27
N PRO D 18 -16.04 1.67 5.74
CA PRO D 18 -15.54 2.16 4.45
C PRO D 18 -14.28 3.00 4.61
N ALA D 19 -13.62 3.22 3.46
CA ALA D 19 -12.39 3.97 3.41
C ALA D 19 -12.37 4.79 2.12
N SER D 20 -11.73 5.96 2.18
CA SER D 20 -11.66 6.88 1.05
C SER D 20 -10.28 7.51 0.98
N ILE D 21 -9.66 7.44 -0.19
CA ILE D 21 -8.33 8.00 -0.44
C ILE D 21 -8.44 8.91 -1.65
N SER D 22 -7.91 10.12 -1.53
CA SER D 22 -7.97 11.13 -2.59
C SER D 22 -6.61 11.30 -3.24
N CYS D 23 -6.63 11.76 -4.50
CA CYS D 23 -5.45 12.00 -5.29
C CYS D 23 -5.68 13.30 -6.05
N ARG D 24 -4.87 14.33 -5.73
CA ARG D 24 -4.97 15.63 -6.37
C ARG D 24 -3.81 15.81 -7.34
N SER D 25 -4.15 16.13 -8.58
CA SER D 25 -3.17 16.30 -9.65
C SER D 25 -2.85 17.78 -9.82
N SER D 26 -1.57 18.08 -10.06
CA SER D 26 -1.14 19.45 -10.34
C SER D 26 -1.59 19.97 -11.70
N GLN D 27 -2.10 19.09 -12.55
CA GLN D 27 -2.49 19.42 -13.93
C GLN D 27 -3.61 18.48 -14.31
N SER D 28 -4.58 18.99 -15.06
CA SER D 28 -5.74 18.19 -15.40
C SER D 28 -5.34 16.97 -16.22
N LEU D 29 -5.86 15.81 -15.84
CA LEU D 29 -5.59 14.56 -16.54
C LEU D 29 -6.62 14.24 -17.62
N LEU D 30 -7.61 15.11 -17.82
CA LEU D 30 -8.54 14.95 -18.93
C LEU D 30 -7.91 15.55 -20.19
N ASN D 31 -7.94 14.80 -21.29
CA ASN D 31 -7.39 15.23 -22.56
C ASN D 31 -8.50 15.71 -23.50
N ASP D 32 -8.10 16.20 -24.67
CA ASP D 32 -9.02 16.88 -25.57
C ASP D 32 -9.90 15.93 -26.39
N VAL D 33 -9.87 14.63 -26.13
CA VAL D 33 -10.83 13.68 -26.69
C VAL D 33 -11.71 13.05 -25.60
N GLY D 34 -11.63 13.53 -24.36
CA GLY D 34 -12.53 13.08 -23.31
C GLY D 34 -12.05 11.92 -22.49
N ASN D 35 -10.77 11.55 -22.59
CA ASN D 35 -10.22 10.41 -21.89
C ASN D 35 -9.33 10.87 -20.75
N THR D 36 -9.25 10.04 -19.71
CA THR D 36 -8.50 10.35 -18.51
C THR D 36 -7.75 9.09 -18.07
N TYR D 37 -6.42 9.16 -18.07
CA TYR D 37 -5.58 8.00 -17.79
C TYR D 37 -5.09 8.10 -16.34
N LEU D 38 -5.99 7.74 -15.43
CA LEU D 38 -5.68 7.63 -14.01
C LEU D 38 -5.90 6.18 -13.56
N TYR D 39 -5.00 5.70 -12.71
CA TYR D 39 -4.97 4.32 -12.24
C TYR D 39 -4.72 4.33 -10.75
N TRP D 40 -5.16 3.28 -10.08
CA TRP D 40 -4.88 3.07 -8.67
C TRP D 40 -4.23 1.70 -8.48
N TYR D 41 -3.20 1.66 -7.63
CA TYR D 41 -2.46 0.45 -7.34
C TYR D 41 -2.41 0.21 -5.84
N LEU D 42 -2.28 -1.07 -5.47
CA LEU D 42 -2.05 -1.48 -4.09
C LEU D 42 -0.73 -2.25 -4.03
N GLN D 43 0.11 -1.88 -3.07
CA GLN D 43 1.30 -2.66 -2.72
C GLN D 43 1.10 -3.19 -1.31
N LYS D 44 0.75 -4.47 -1.20
CA LYS D 44 0.67 -5.11 0.10
C LYS D 44 2.07 -5.25 0.68
N PRO D 45 2.20 -5.45 2.00
CA PRO D 45 3.52 -5.53 2.61
C PRO D 45 4.33 -6.71 2.06
N GLY D 46 5.55 -6.43 1.62
CA GLY D 46 6.44 -7.45 1.13
C GLY D 46 6.14 -7.97 -0.26
N GLN D 47 5.23 -7.32 -0.99
CA GLN D 47 4.82 -7.75 -2.33
C GLN D 47 5.02 -6.59 -3.31
N SER D 48 4.86 -6.90 -4.60
CA SER D 48 4.94 -5.90 -5.65
C SER D 48 3.59 -5.23 -5.84
N PRO D 49 3.55 -4.03 -6.43
CA PRO D 49 2.25 -3.37 -6.62
C PRO D 49 1.36 -4.15 -7.58
N GLN D 50 0.05 -4.01 -7.37
CA GLN D 50 -0.95 -4.68 -8.19
C GLN D 50 -2.04 -3.67 -8.53
N LEU D 51 -2.58 -3.79 -9.74
CA LEU D 51 -3.59 -2.84 -10.20
C LEU D 51 -4.92 -3.08 -9.49
N LEU D 52 -5.61 -1.98 -9.19
CA LEU D 52 -6.96 -2.01 -8.63
C LEU D 52 -7.98 -1.38 -9.56
N ILE D 53 -7.72 -0.15 -10.01
CA ILE D 53 -8.67 0.62 -10.81
C ILE D 53 -7.89 1.16 -12.02
N TYR D 54 -8.51 1.14 -13.19
CA TYR D 54 -7.94 1.76 -14.38
C TYR D 54 -8.97 2.71 -15.00
N LEU D 55 -8.47 3.75 -15.64
CA LEU D 55 -9.30 4.75 -16.31
C LEU D 55 -10.34 5.33 -15.36
N VAL D 56 -9.87 5.74 -14.19
CA VAL D 56 -10.63 6.46 -13.17
C VAL D 56 -11.52 5.51 -12.35
N SER D 57 -12.37 4.72 -13.04
CA SER D 57 -13.42 3.98 -12.37
C SER D 57 -13.60 2.53 -12.80
N ASP D 58 -12.81 2.03 -13.75
CA ASP D 58 -12.96 0.64 -14.19
C ASP D 58 -12.16 -0.29 -13.29
N LEU D 59 -12.76 -1.44 -12.99
CA LEU D 59 -12.19 -2.37 -12.02
C LEU D 59 -11.25 -3.34 -12.71
N GLY D 60 -10.04 -3.47 -12.16
CA GLY D 60 -9.08 -4.42 -12.69
C GLY D 60 -9.58 -5.85 -12.58
N SER D 61 -8.96 -6.72 -13.36
CA SER D 61 -9.32 -8.14 -13.35
C SER D 61 -8.99 -8.76 -12.00
N GLY D 62 -9.94 -9.54 -11.49
CA GLY D 62 -9.75 -10.21 -10.22
C GLY D 62 -9.79 -9.33 -9.00
N VAL D 63 -10.17 -8.06 -9.14
CA VAL D 63 -10.25 -7.12 -8.01
C VAL D 63 -11.66 -7.20 -7.44
N PRO D 64 -11.85 -7.23 -6.11
CA PRO D 64 -13.22 -7.28 -5.59
C PRO D 64 -13.96 -5.97 -5.81
N ASN D 65 -15.28 -6.07 -5.98
CA ASN D 65 -16.08 -4.92 -6.38
C ASN D 65 -16.41 -3.97 -5.23
N ARG D 66 -15.92 -4.23 -4.02
CA ARG D 66 -15.99 -3.20 -2.98
C ARG D 66 -14.97 -2.08 -3.21
N PHE D 67 -14.02 -2.25 -4.15
CA PHE D 67 -13.16 -1.17 -4.60
C PHE D 67 -13.86 -0.39 -5.71
N SER D 68 -13.81 0.94 -5.61
CA SER D 68 -14.37 1.78 -6.67
C SER D 68 -13.52 3.03 -6.80
N GLY D 69 -13.63 3.67 -7.96
CA GLY D 69 -12.93 4.93 -8.21
C GLY D 69 -13.86 5.93 -8.86
N SER D 70 -13.54 7.21 -8.66
CA SER D 70 -14.33 8.28 -9.23
C SER D 70 -13.49 9.54 -9.28
N GLY D 71 -13.99 10.55 -9.99
CA GLY D 71 -13.39 11.86 -10.08
C GLY D 71 -13.27 12.31 -11.52
N SER D 72 -12.60 13.44 -11.70
CA SER D 72 -12.40 14.01 -13.03
C SER D 72 -11.44 15.18 -12.93
N GLY D 73 -10.81 15.51 -14.05
CA GLY D 73 -9.91 16.65 -14.10
C GLY D 73 -8.67 16.46 -13.25
N THR D 74 -8.67 17.10 -12.08
CA THR D 74 -7.54 17.08 -11.18
C THR D 74 -7.80 16.38 -9.85
N ASP D 75 -9.06 16.06 -9.54
CA ASP D 75 -9.44 15.48 -8.25
C ASP D 75 -10.03 14.10 -8.48
N PHE D 76 -9.43 13.10 -7.84
CA PHE D 76 -9.83 11.70 -8.01
C PHE D 76 -9.84 11.03 -6.64
N THR D 77 -10.63 9.96 -6.54
CA THR D 77 -10.89 9.34 -5.26
C THR D 77 -11.04 7.84 -5.43
N LEU D 78 -10.35 7.08 -4.59
CA LEU D 78 -10.54 5.63 -4.45
C LEU D 78 -11.38 5.39 -3.21
N LYS D 79 -12.30 4.44 -3.30
CA LYS D 79 -13.19 4.10 -2.19
C LYS D 79 -13.22 2.60 -1.98
N ILE D 80 -13.09 2.19 -0.72
CA ILE D 80 -13.32 0.81 -0.28
C ILE D 80 -14.59 0.84 0.55
N SER D 81 -15.58 0.06 0.16
CA SER D 81 -16.86 0.12 0.85
C SER D 81 -16.80 -0.61 2.20
N ARG D 82 -16.14 -1.77 2.24
CA ARG D 82 -16.05 -2.59 3.44
C ARG D 82 -14.62 -3.14 3.50
N VAL D 83 -13.78 -2.52 4.33
CA VAL D 83 -12.37 -2.89 4.41
C VAL D 83 -12.23 -4.26 5.06
N GLU D 84 -11.28 -5.05 4.57
CA GLU D 84 -10.88 -6.33 5.13
C GLU D 84 -9.41 -6.27 5.48
N ALA D 85 -8.93 -7.27 6.22
CA ALA D 85 -7.55 -7.27 6.68
C ALA D 85 -6.57 -7.35 5.52
N GLU D 86 -6.93 -8.09 4.47
CA GLU D 86 -6.04 -8.28 3.33
C GLU D 86 -5.85 -7.01 2.51
N ASP D 87 -6.64 -5.97 2.74
CA ASP D 87 -6.47 -4.71 2.03
C ASP D 87 -5.39 -3.81 2.65
N VAL D 88 -4.70 -4.27 3.68
CA VAL D 88 -3.66 -3.46 4.29
C VAL D 88 -2.49 -3.31 3.32
N GLY D 89 -1.93 -2.12 3.28
CA GLY D 89 -0.81 -1.84 2.41
C GLY D 89 -0.74 -0.36 2.11
N ILE D 90 -0.02 -0.03 1.04
CA ILE D 90 0.14 1.34 0.57
C ILE D 90 -0.57 1.45 -0.77
N TYR D 91 -1.40 2.48 -0.92
CA TYR D 91 -2.19 2.71 -2.11
C TYR D 91 -1.59 3.88 -2.88
N TYR D 92 -1.37 3.69 -4.18
CA TYR D 92 -0.78 4.69 -5.05
C TYR D 92 -1.73 5.02 -6.19
N CYS D 93 -1.86 6.31 -6.51
CA CYS D 93 -2.44 6.73 -7.77
C CYS D 93 -1.32 6.94 -8.79
N MET D 94 -1.66 6.77 -10.06
CA MET D 94 -0.72 6.92 -11.16
C MET D 94 -1.44 7.54 -12.34
N GLN D 95 -0.75 8.43 -13.07
CA GLN D 95 -1.30 9.07 -14.26
C GLN D 95 -0.42 8.75 -15.47
N ALA D 96 -1.06 8.56 -16.62
CA ALA D 96 -0.38 8.42 -17.89
C ALA D 96 -0.94 9.40 -18.92
N SER D 97 -1.58 10.48 -18.47
CA SER D 97 -2.14 11.46 -19.39
C SER D 97 -1.09 12.41 -19.94
N HIS D 98 -0.03 12.68 -19.17
CA HIS D 98 1.05 13.57 -19.57
C HIS D 98 2.38 12.89 -19.25
N ALA D 99 3.20 12.68 -20.28
CA ALA D 99 4.50 12.06 -20.07
C ALA D 99 5.41 13.05 -19.34
N PRO D 100 6.33 12.54 -18.48
CA PRO D 100 6.58 11.17 -18.02
C PRO D 100 5.48 10.64 -17.10
N TYR D 101 5.28 9.31 -17.06
CA TYR D 101 4.33 8.75 -16.13
C TYR D 101 4.81 9.03 -14.70
N THR D 102 3.87 9.38 -13.82
CA THR D 102 4.20 9.70 -12.44
C THR D 102 3.20 9.05 -11.49
N PHE D 103 3.68 8.72 -10.30
CA PHE D 103 2.90 8.13 -9.23
C PHE D 103 2.67 9.15 -8.13
N GLY D 104 1.70 8.87 -7.26
CA GLY D 104 1.56 9.61 -6.03
C GLY D 104 2.53 9.08 -4.96
N GLN D 105 2.65 9.84 -3.87
CA GLN D 105 3.60 9.45 -2.84
C GLN D 105 3.14 8.21 -2.07
N GLY D 106 1.87 7.85 -2.15
CA GLY D 106 1.35 6.69 -1.46
C GLY D 106 0.56 7.05 -0.22
N THR D 107 -0.45 6.22 0.08
CA THR D 107 -1.30 6.37 1.26
C THR D 107 -1.32 5.05 2.01
N ASN D 108 -0.87 5.07 3.26
CA ASN D 108 -0.84 3.87 4.08
C ASN D 108 -2.21 3.59 4.66
N LEU D 109 -2.67 2.35 4.54
CA LEU D 109 -3.97 1.92 5.06
C LEU D 109 -3.72 0.95 6.19
N GLU D 110 -4.09 1.35 7.41
CA GLU D 110 -3.94 0.55 8.60
C GLU D 110 -5.29 -0.07 8.97
N ILE D 111 -5.23 -1.29 9.50
CA ILE D 111 -6.42 -1.96 10.03
C ILE D 111 -6.60 -1.50 11.47
N LYS D 112 -7.70 -0.81 11.75
CA LYS D 112 -7.99 -0.36 13.10
C LYS D 112 -8.57 -1.51 13.92
N ARG D 113 -8.05 -1.69 15.12
CA ARG D 113 -8.57 -2.67 16.07
C ARG D 113 -8.67 -2.03 17.44
N THR D 114 -9.11 -2.80 18.42
CA THR D 114 -9.22 -2.32 19.78
C THR D 114 -7.84 -2.21 20.42
N VAL D 115 -7.76 -1.42 21.49
CA VAL D 115 -6.48 -1.13 22.12
C VAL D 115 -5.96 -2.37 22.83
N ALA D 116 -4.66 -2.64 22.66
CA ALA D 116 -3.98 -3.73 23.35
C ALA D 116 -2.64 -3.20 23.84
N ALA D 117 -2.41 -3.29 25.15
CA ALA D 117 -1.13 -2.86 25.70
C ALA D 117 -0.04 -3.88 25.36
N PRO D 118 1.22 -3.45 25.27
CA PRO D 118 2.28 -4.42 24.97
C PRO D 118 2.61 -5.31 26.16
N SER D 119 2.89 -6.57 25.85
CA SER D 119 3.67 -7.43 26.74
C SER D 119 5.14 -7.10 26.53
N VAL D 120 5.86 -6.86 27.62
CA VAL D 120 7.25 -6.42 27.57
C VAL D 120 8.15 -7.56 28.03
N PHE D 121 9.28 -7.72 27.35
CA PHE D 121 10.31 -8.71 27.68
C PHE D 121 11.66 -8.04 27.50
N ILE D 122 12.62 -8.43 28.34
CA ILE D 122 13.97 -7.90 28.29
C ILE D 122 14.95 -9.06 28.19
N PHE D 123 15.91 -8.95 27.28
CA PHE D 123 16.90 -9.99 27.01
C PHE D 123 18.28 -9.46 27.36
N PRO D 124 19.07 -10.08 28.23
CA PRO D 124 20.45 -9.60 28.44
C PRO D 124 21.31 -9.95 27.25
N PRO D 125 22.53 -9.39 27.16
CA PRO D 125 23.45 -9.81 26.10
C PRO D 125 23.92 -11.24 26.35
N SER D 126 24.22 -11.93 25.25
CA SER D 126 24.70 -13.29 25.33
C SER D 126 26.17 -13.33 25.74
N ASP D 127 26.56 -14.44 26.38
CA ASP D 127 27.96 -14.62 26.72
C ASP D 127 28.83 -14.69 25.46
N GLU D 128 28.28 -15.21 24.36
CA GLU D 128 29.03 -15.25 23.12
C GLU D 128 29.34 -13.85 22.61
N GLN D 129 28.36 -12.95 22.67
CA GLN D 129 28.59 -11.59 22.20
C GLN D 129 29.59 -10.86 23.10
N LEU D 130 29.48 -11.08 24.41
CA LEU D 130 30.35 -10.37 25.35
C LEU D 130 31.81 -10.73 25.14
N LYS D 131 32.09 -11.97 24.72
CA LYS D 131 33.46 -12.36 24.44
C LYS D 131 34.05 -11.59 23.26
N SER D 132 33.22 -11.02 22.39
CA SER D 132 33.67 -10.23 21.25
C SER D 132 33.83 -8.74 21.57
N GLY D 133 33.46 -8.31 22.76
CA GLY D 133 33.70 -6.94 23.20
C GLY D 133 32.54 -5.98 23.06
N THR D 134 31.33 -6.46 22.81
CA THR D 134 30.15 -5.62 22.70
C THR D 134 29.02 -6.28 23.47
N ALA D 135 28.09 -5.46 23.95
CA ALA D 135 26.90 -5.90 24.65
C ALA D 135 25.68 -5.24 24.04
N SER D 136 24.78 -6.06 23.48
CA SER D 136 23.49 -5.61 23.00
C SER D 136 22.41 -6.08 23.97
N VAL D 137 21.64 -5.13 24.51
CA VAL D 137 20.52 -5.42 25.39
C VAL D 137 19.25 -5.10 24.62
N VAL D 138 18.31 -6.05 24.58
CA VAL D 138 17.12 -5.96 23.75
C VAL D 138 15.88 -5.90 24.63
N CYS D 139 14.93 -5.06 24.24
CA CYS D 139 13.62 -4.94 24.88
C CYS D 139 12.57 -5.17 23.81
N LEU D 140 11.70 -6.15 24.04
CA LEU D 140 10.65 -6.51 23.09
C LEU D 140 9.30 -6.02 23.62
N LEU D 141 8.61 -5.21 22.83
CA LEU D 141 7.22 -4.83 23.08
C LEU D 141 6.38 -5.62 22.08
N ASN D 142 5.55 -6.54 22.57
CA ASN D 142 4.90 -7.53 21.72
C ASN D 142 3.38 -7.34 21.68
N ASN D 143 2.84 -7.33 20.46
CA ASN D 143 1.40 -7.47 20.19
C ASN D 143 0.59 -6.37 20.90
N PHE D 144 0.75 -5.15 20.38
CA PHE D 144 0.08 -3.97 20.92
C PHE D 144 -0.51 -3.16 19.78
N TYR D 145 -1.52 -2.36 20.14
CA TYR D 145 -2.18 -1.44 19.24
C TYR D 145 -2.82 -0.35 20.09
N PRO D 146 -2.77 0.93 19.68
CA PRO D 146 -2.18 1.55 18.47
C PRO D 146 -0.64 1.53 18.45
N ARG D 147 -0.09 2.02 17.33
CA ARG D 147 1.32 1.78 17.02
C ARG D 147 2.26 2.58 17.91
N GLU D 148 1.81 3.71 18.46
CA GLU D 148 2.71 4.61 19.16
C GLU D 148 3.08 4.06 20.53
N ALA D 149 4.36 4.12 20.86
CA ALA D 149 4.88 3.64 22.12
C ALA D 149 6.20 4.35 22.38
N LYS D 150 6.65 4.31 23.63
CA LYS D 150 7.91 4.91 24.04
C LYS D 150 8.69 3.88 24.87
N VAL D 151 9.93 3.65 24.47
CA VAL D 151 10.88 2.83 25.22
C VAL D 151 11.90 3.78 25.84
N GLN D 152 12.19 3.55 27.12
CA GLN D 152 13.14 4.37 27.86
C GLN D 152 14.11 3.42 28.57
N TRP D 153 15.37 3.44 28.17
CA TRP D 153 16.39 2.62 28.78
C TRP D 153 17.00 3.33 29.98
N LYS D 154 17.27 2.56 31.04
CA LYS D 154 17.90 3.08 32.25
C LYS D 154 18.97 2.09 32.69
N VAL D 155 20.15 2.59 33.01
CA VAL D 155 21.27 1.79 33.51
C VAL D 155 21.68 2.38 34.84
N ASP D 156 21.37 1.67 35.93
CA ASP D 156 21.53 2.18 37.29
C ASP D 156 20.87 3.55 37.43
N ASN D 157 19.65 3.65 36.91
CA ASN D 157 18.77 4.82 36.94
C ASN D 157 19.25 6.00 36.09
N ALA D 158 20.40 5.89 35.42
CA ALA D 158 20.81 6.90 34.45
C ALA D 158 20.06 6.68 33.14
N LEU D 159 19.28 7.67 32.73
CA LEU D 159 18.49 7.53 31.51
C LEU D 159 19.40 7.58 30.29
N GLN D 160 19.21 6.61 29.38
CA GLN D 160 20.03 6.49 28.18
C GLN D 160 19.37 7.21 27.02
N SER D 161 20.21 7.77 26.15
CA SER D 161 19.73 8.50 24.98
C SER D 161 20.82 8.43 23.92
N GLY D 162 20.39 8.21 22.68
CA GLY D 162 21.33 8.03 21.58
C GLY D 162 22.03 6.69 21.52
N ASN D 163 21.84 5.84 22.54
CA ASN D 163 22.44 4.51 22.54
C ASN D 163 21.65 3.49 21.74
N SER D 164 20.35 3.72 21.58
CA SER D 164 19.43 2.68 21.18
C SER D 164 18.90 2.92 19.77
N GLN D 165 18.47 1.83 19.15
CA GLN D 165 17.75 1.83 17.89
C GLN D 165 16.57 0.89 18.05
N GLU D 166 15.47 1.21 17.36
CA GLU D 166 14.28 0.38 17.44
C GLU D 166 13.70 0.17 16.05
N SER D 167 12.88 -0.87 15.98
CA SER D 167 12.27 -1.36 14.75
C SER D 167 10.93 -1.96 15.14
N VAL D 168 9.91 -1.74 14.30
CA VAL D 168 8.59 -2.27 14.58
C VAL D 168 8.14 -3.04 13.35
N THR D 169 7.42 -4.13 13.58
CA THR D 169 6.96 -4.99 12.52
C THR D 169 5.87 -4.32 11.70
N GLU D 170 5.56 -4.93 10.56
CA GLU D 170 4.32 -4.63 9.86
C GLU D 170 3.15 -5.12 10.72
N GLN D 171 1.96 -4.63 10.39
CA GLN D 171 0.77 -5.03 11.13
C GLN D 171 0.51 -6.51 10.92
N ASP D 172 0.36 -7.24 12.03
CA ASP D 172 0.15 -8.68 11.95
C ASP D 172 -1.13 -9.00 11.20
N SER D 173 -1.02 -9.90 10.22
CA SER D 173 -2.14 -10.16 9.33
C SER D 173 -3.32 -10.84 10.02
N LYS D 174 -3.12 -11.40 11.22
CA LYS D 174 -4.12 -12.20 11.89
C LYS D 174 -4.81 -11.51 13.05
N ASP D 175 -4.07 -10.75 13.88
CA ASP D 175 -4.65 -9.99 14.99
C ASP D 175 -4.42 -8.49 14.88
N SER D 176 -3.85 -8.00 13.78
CA SER D 176 -3.73 -6.57 13.47
C SER D 176 -2.91 -5.80 14.50
N THR D 177 -2.07 -6.48 15.30
CA THR D 177 -1.23 -5.80 16.25
C THR D 177 0.15 -5.51 15.66
N TYR D 178 0.93 -4.72 16.40
CA TYR D 178 2.33 -4.46 16.12
C TYR D 178 3.20 -5.09 17.20
N SER D 179 4.47 -5.24 16.88
CA SER D 179 5.51 -5.54 17.86
C SER D 179 6.69 -4.61 17.60
N LEU D 180 7.47 -4.34 18.64
CA LEU D 180 8.60 -3.43 18.56
C LEU D 180 9.77 -4.02 19.32
N SER D 181 10.94 -3.96 18.71
CA SER D 181 12.20 -4.32 19.35
C SER D 181 13.06 -3.07 19.49
N SER D 182 13.72 -2.93 20.64
CA SER D 182 14.65 -1.83 20.91
C SER D 182 15.94 -2.42 21.43
N THR D 183 17.05 -2.10 20.78
CA THR D 183 18.36 -2.65 21.11
C THR D 183 19.25 -1.55 21.67
N LEU D 184 19.64 -1.71 22.94
CA LEU D 184 20.64 -0.86 23.56
C LEU D 184 22.02 -1.51 23.42
N THR D 185 22.96 -0.76 22.84
CA THR D 185 24.28 -1.27 22.52
C THR D 185 25.34 -0.54 23.33
N LEU D 186 26.15 -1.30 24.05
CA LEU D 186 27.27 -0.77 24.83
C LEU D 186 28.52 -1.60 24.55
N SER D 187 29.68 -1.04 24.89
CA SER D 187 30.88 -1.84 24.92
C SER D 187 30.80 -2.81 26.11
N LYS D 188 31.60 -3.88 26.02
CA LYS D 188 31.68 -4.82 27.14
C LYS D 188 32.16 -4.11 28.40
N ALA D 189 33.06 -3.14 28.26
CA ALA D 189 33.62 -2.48 29.44
C ALA D 189 32.57 -1.63 30.15
N ASP D 190 31.83 -0.82 29.38
CA ASP D 190 30.74 -0.05 29.98
C ASP D 190 29.68 -0.95 30.58
N TYR D 191 29.38 -2.07 29.90
CA TYR D 191 28.33 -2.97 30.38
C TYR D 191 28.68 -3.54 31.74
N GLU D 192 29.93 -3.91 31.96
CA GLU D 192 30.36 -4.51 33.22
C GLU D 192 30.59 -3.49 34.33
N LYS D 193 30.47 -2.19 34.04
CA LYS D 193 30.57 -1.15 35.06
C LYS D 193 29.26 -0.92 35.81
N HIS D 194 28.19 -1.61 35.43
CA HIS D 194 26.87 -1.31 35.96
C HIS D 194 26.11 -2.60 36.26
N LYS D 195 25.08 -2.46 37.10
CA LYS D 195 24.33 -3.59 37.63
C LYS D 195 22.94 -3.70 37.02
N VAL D 196 22.10 -2.68 37.21
CA VAL D 196 20.68 -2.78 36.87
C VAL D 196 20.47 -2.23 35.48
N TYR D 197 19.85 -3.04 34.62
CA TYR D 197 19.46 -2.64 33.27
C TYR D 197 17.96 -2.78 33.15
N ALA D 198 17.30 -1.74 32.63
CA ALA D 198 15.85 -1.73 32.58
C ALA D 198 15.38 -0.97 31.35
N CYS D 199 14.27 -1.44 30.77
CA CYS D 199 13.54 -0.69 29.76
C CYS D 199 12.15 -0.38 30.32
N GLU D 200 11.80 0.90 30.35
CA GLU D 200 10.52 1.37 30.84
C GLU D 200 9.64 1.67 29.63
N VAL D 201 8.45 1.07 29.60
CA VAL D 201 7.57 1.12 28.43
C VAL D 201 6.30 1.89 28.80
N THR D 202 5.88 2.80 27.91
CA THR D 202 4.60 3.46 28.02
C THR D 202 3.84 3.33 26.72
N HIS D 203 2.51 3.20 26.85
CA HIS D 203 1.58 2.99 25.75
C HIS D 203 0.26 3.54 26.23
N GLN D 204 -0.55 4.10 25.30
CA GLN D 204 -1.79 4.72 25.71
C GLN D 204 -2.77 3.75 26.36
N GLY D 205 -2.58 2.45 26.16
CA GLY D 205 -3.35 1.43 26.83
C GLY D 205 -2.85 1.04 28.20
N LEU D 206 -1.74 1.61 28.66
CA LEU D 206 -1.18 1.35 29.98
C LEU D 206 -1.50 2.48 30.93
N SER D 207 -2.05 2.15 32.10
CA SER D 207 -2.37 3.16 33.09
C SER D 207 -1.11 3.74 33.74
N SER D 208 -0.04 2.97 33.79
CA SER D 208 1.26 3.46 34.25
C SER D 208 2.34 2.66 33.54
N PRO D 209 3.58 3.16 33.54
CA PRO D 209 4.62 2.47 32.74
C PRO D 209 4.94 1.09 33.27
N VAL D 210 5.26 0.20 32.33
CA VAL D 210 5.74 -1.15 32.63
C VAL D 210 7.26 -1.13 32.54
N THR D 211 7.92 -1.73 33.54
CA THR D 211 9.37 -1.82 33.59
C THR D 211 9.78 -3.28 33.74
N LYS D 212 10.60 -3.76 32.81
CA LYS D 212 11.26 -5.04 32.90
C LYS D 212 12.75 -4.80 33.09
N SER D 213 13.39 -5.59 33.95
CA SER D 213 14.77 -5.34 34.29
C SER D 213 15.44 -6.62 34.74
N PHE D 214 16.78 -6.61 34.68
CA PHE D 214 17.61 -7.67 35.23
C PHE D 214 18.83 -7.04 35.87
N ASN D 215 19.45 -7.79 36.78
CA ASN D 215 20.71 -7.41 37.39
C ASN D 215 21.83 -8.19 36.70
N ARG D 216 22.80 -7.47 36.14
CA ARG D 216 23.98 -8.12 35.59
C ARG D 216 24.70 -8.88 36.70
N GLY D 217 25.23 -10.04 36.35
CA GLY D 217 25.80 -10.94 37.33
C GLY D 217 24.81 -11.88 37.96
N GLU D 218 23.62 -12.05 37.36
CA GLU D 218 22.63 -13.01 37.81
C GLU D 218 22.04 -13.78 36.63
N CYS D 219 22.81 -13.90 35.54
CA CYS D 219 22.35 -14.57 34.33
C CYS D 219 23.32 -15.69 33.93
C ACT E . -23.84 -1.19 -31.37
O ACT E . -23.78 -0.58 -32.48
OXT ACT E . -23.23 -0.96 -30.29
CH3 ACT E . -24.78 -2.41 -31.39
H1 ACT E . -25.68 -2.11 -31.57
H2 ACT E . -24.74 -2.86 -30.54
H3 ACT E . -24.50 -3.02 -32.09
#